data_6ANV
#
_entry.id   6ANV
#
_cell.length_a   87.389
_cell.length_b   63.245
_cell.length_c   96.733
_cell.angle_alpha   90.00
_cell.angle_beta   93.21
_cell.angle_gamma   90.00
#
_symmetry.space_group_name_H-M   'P 1 21 1'
#
loop_
_entity.id
_entity.type
_entity.pdbx_description
1 polymer 'anti-CRISPR protein AcrF1 fused with C-terminal MBP tag'
2 branched alpha-D-glucopyranose-(1-4)-alpha-D-glucopyranose-(1-4)-alpha-D-glucopyranose-(1-4)-alpha-D-glucopyranose
3 non-polymer '2-(N-MORPHOLINO)-ETHANESULFONIC ACID'
4 non-polymer 'TRIETHYLENE GLYCOL'
5 non-polymer 1,2-ETHANEDIOL
6 non-polymer DI(HYDROXYETHYL)ETHER
7 water water
#
_entity_poly.entity_id   1
_entity_poly.type   'polypeptide(L)'
_entity_poly.pdbx_seq_one_letter_code
;GSMKFIKYLSTAHLNYMNIAVYENGSKIKARVENVVNGKSVGARDFDSTEQLESWFYGLPGSGLGRIENAMNEISRRENP
LEKIEEGKLVIWINGDKGYNGLAEVGKKFEKDTGIKVTVEHPDKLEEKFPQVAATGDGPDIIFWAHDRFGGYAQSGLLAE
ITPDKAFQDKLYPFTWDAVRYNGKLIAYPIAVEALSLIYNKDLLPNPPKTWEEIPALDKELKAKGKSALMFNLQEPYFTW
PLIAADGGYAFKYENGKYDIKDVGVDNAGAKAGLTFLVDLIKNKHMNADTDYSIAEAAFNKGETAMTINGPWAWSNIDTS
KVNYGVTVLPTFKGQPSKPFVGVLSAGINAASPNKELAKEFLENYLLTDEGLEAVNKDKPLGAVALKSYEEELAKDPRIA
ATMENAQKGEIMPNIPQMSAFWYAVRTAVINAASGRQTVDEALKDAQTNAAA
;
_entity_poly.pdbx_strand_id   A,B
#
loop_
_chem_comp.id
_chem_comp.type
_chem_comp.name
_chem_comp.formula
EDO non-polymer 1,2-ETHANEDIOL 'C2 H6 O2'
GLC D-saccharide, alpha linking alpha-D-glucopyranose 'C6 H12 O6'
MES non-polymer '2-(N-MORPHOLINO)-ETHANESULFONIC ACID' 'C6 H13 N O4 S'
PEG non-polymer DI(HYDROXYETHYL)ETHER 'C4 H10 O3'
PGE non-polymer 'TRIETHYLENE GLYCOL' 'C6 H14 O4'
#
# COMPACT_ATOMS: atom_id res chain seq x y z
N SER A 2 -10.17 18.33 -23.64
CA SER A 2 -8.73 18.51 -23.45
C SER A 2 -8.05 17.21 -23.12
N MET A 3 -8.72 16.40 -22.32
CA MET A 3 -8.37 15.00 -22.09
C MET A 3 -9.22 14.17 -23.06
N LYS A 4 -8.62 13.73 -24.16
CA LYS A 4 -9.35 13.02 -25.22
C LYS A 4 -8.82 11.59 -25.35
N PHE A 5 -9.67 10.61 -25.08
CA PHE A 5 -9.24 9.22 -25.04
C PHE A 5 -8.84 8.74 -26.42
N ILE A 6 -7.70 8.06 -26.50
CA ILE A 6 -7.26 7.46 -27.76
C ILE A 6 -7.45 5.95 -27.72
N LYS A 7 -6.85 5.28 -26.74
CA LYS A 7 -6.93 3.82 -26.72
C LYS A 7 -6.42 3.28 -25.40
N TYR A 8 -6.67 1.99 -25.18
CA TYR A 8 -5.98 1.22 -24.16
C TYR A 8 -4.67 0.67 -24.73
N LEU A 9 -3.64 0.69 -23.90
CA LEU A 9 -2.34 0.23 -24.36
C LEU A 9 -2.34 -1.29 -24.54
N SER A 10 -2.83 -2.02 -23.54
CA SER A 10 -2.74 -3.47 -23.53
C SER A 10 -3.97 -4.08 -24.20
N THR A 11 -3.74 -5.14 -24.98
CA THR A 11 -4.84 -5.83 -25.61
C THR A 11 -5.66 -6.62 -24.60
N ALA A 12 -5.07 -7.00 -23.47
CA ALA A 12 -5.78 -7.70 -22.41
C ALA A 12 -5.71 -6.89 -21.12
N HIS A 13 -6.81 -6.85 -20.39
CA HIS A 13 -6.86 -6.16 -19.12
C HIS A 13 -6.23 -7.02 -18.04
N LEU A 14 -5.28 -6.45 -17.29
CA LEU A 14 -4.65 -7.12 -16.16
C LEU A 14 -5.41 -6.77 -14.89
N ASN A 15 -6.11 -7.74 -14.32
CA ASN A 15 -6.82 -7.53 -13.05
C ASN A 15 -7.79 -6.35 -13.19
N TYR A 16 -8.44 -6.28 -14.35
CA TYR A 16 -9.38 -5.21 -14.74
C TYR A 16 -8.73 -3.84 -14.81
N MET A 17 -7.40 -3.80 -14.88
CA MET A 17 -6.63 -2.59 -15.09
C MET A 17 -6.08 -2.56 -16.50
N ASN A 18 -5.98 -1.36 -17.05
CA ASN A 18 -5.32 -1.17 -18.33
C ASN A 18 -4.65 0.20 -18.27
N ILE A 19 -4.01 0.59 -19.35
CA ILE A 19 -3.40 1.91 -19.43
C ILE A 19 -4.16 2.68 -20.49
N ALA A 20 -4.90 3.69 -20.04
CA ALA A 20 -5.67 4.56 -20.93
C ALA A 20 -4.76 5.66 -21.46
N VAL A 21 -4.77 5.84 -22.78
CA VAL A 21 -3.91 6.81 -23.45
C VAL A 21 -4.79 7.95 -23.96
N TYR A 22 -4.50 9.16 -23.51
CA TYR A 22 -5.27 10.34 -23.87
C TYR A 22 -4.40 11.33 -24.62
N GLU A 23 -4.98 11.97 -25.63
CA GLU A 23 -4.48 13.27 -26.10
C GLU A 23 -4.86 14.33 -25.07
N ASN A 24 -3.87 14.97 -24.47
CA ASN A 24 -4.10 15.97 -23.42
C ASN A 24 -3.69 17.34 -23.93
N GLY A 25 -4.63 18.04 -24.56
CA GLY A 25 -4.26 19.24 -25.29
C GLY A 25 -3.24 18.89 -26.35
N SER A 26 -2.12 19.61 -26.34
CA SER A 26 -1.01 19.37 -27.25
C SER A 26 -0.06 18.27 -26.77
N LYS A 27 -0.33 17.65 -25.62
CA LYS A 27 0.55 16.61 -25.12
C LYS A 27 -0.22 15.29 -25.01
N ILE A 28 0.40 14.31 -24.37
CA ILE A 28 -0.19 13.01 -24.14
C ILE A 28 -0.26 12.80 -22.64
N LYS A 29 -1.32 12.16 -22.16
CA LYS A 29 -1.34 11.64 -20.82
C LYS A 29 -1.70 10.16 -20.86
N ALA A 30 -1.01 9.34 -20.08
CA ALA A 30 -1.33 7.92 -19.97
C ALA A 30 -1.72 7.64 -18.53
N ARG A 31 -2.83 6.95 -18.32
CA ARG A 31 -3.33 6.71 -16.98
C ARG A 31 -3.54 5.22 -16.73
N VAL A 32 -3.17 4.76 -15.55
CA VAL A 32 -3.49 3.40 -15.14
C VAL A 32 -4.91 3.41 -14.60
N GLU A 33 -5.84 2.81 -15.35
CA GLU A 33 -7.25 2.97 -15.05
C GLU A 33 -7.92 1.63 -14.83
N ASN A 34 -8.92 1.65 -13.96
CA ASN A 34 -9.87 0.56 -13.81
C ASN A 34 -10.81 0.60 -15.00
N VAL A 35 -10.83 -0.48 -15.80
CA VAL A 35 -11.66 -0.51 -17.00
C VAL A 35 -13.14 -0.68 -16.71
N VAL A 36 -13.53 -0.95 -15.46
CA VAL A 36 -14.95 -1.07 -15.14
C VAL A 36 -15.53 0.27 -14.71
N ASN A 37 -14.92 0.92 -13.72
CA ASN A 37 -15.46 2.17 -13.19
C ASN A 37 -14.60 3.38 -13.54
N GLY A 38 -13.58 3.22 -14.36
CA GLY A 38 -12.80 4.37 -14.76
C GLY A 38 -11.93 4.96 -13.68
N LYS A 39 -11.81 4.32 -12.52
CA LYS A 39 -10.97 4.85 -11.46
C LYS A 39 -9.53 4.97 -11.94
N SER A 40 -8.94 6.14 -11.76
CA SER A 40 -7.54 6.35 -12.14
C SER A 40 -6.62 6.08 -10.97
N VAL A 41 -5.65 5.20 -11.20
CA VAL A 41 -4.70 4.80 -10.18
C VAL A 41 -3.37 5.55 -10.32
N GLY A 42 -3.15 6.24 -11.44
CA GLY A 42 -1.92 6.96 -11.65
C GLY A 42 -1.88 7.50 -13.05
N ALA A 43 -0.94 8.42 -13.27
CA ALA A 43 -0.88 9.10 -14.56
C ALA A 43 0.49 9.73 -14.71
N ARG A 44 0.91 9.87 -15.96
CA ARG A 44 2.14 10.55 -16.32
C ARG A 44 1.91 11.22 -17.67
N ASP A 45 2.57 12.34 -17.88
CA ASP A 45 2.50 13.08 -19.14
C ASP A 45 3.60 12.62 -20.10
N PHE A 46 3.31 12.71 -21.39
CA PHE A 46 4.30 12.49 -22.43
C PHE A 46 4.14 13.57 -23.48
N ASP A 47 5.24 13.86 -24.18
CA ASP A 47 5.21 14.90 -25.21
C ASP A 47 4.32 14.49 -26.37
N SER A 48 4.30 13.21 -26.71
CA SER A 48 3.68 12.75 -27.94
C SER A 48 3.53 11.24 -27.86
N THR A 49 2.72 10.70 -28.77
CA THR A 49 2.57 9.25 -28.83
C THR A 49 3.89 8.57 -29.13
N GLU A 50 4.74 9.22 -29.94
CA GLU A 50 6.06 8.64 -30.24
C GLU A 50 6.89 8.54 -28.98
N GLN A 51 6.86 9.56 -28.13
CA GLN A 51 7.61 9.49 -26.89
C GLN A 51 7.02 8.43 -25.96
N LEU A 52 5.68 8.33 -25.92
CA LEU A 52 5.05 7.29 -25.12
C LEU A 52 5.54 5.92 -25.53
N GLU A 53 5.53 5.65 -26.85
CA GLU A 53 5.91 4.32 -27.32
C GLU A 53 7.38 4.05 -27.10
N SER A 54 8.24 5.04 -27.34
CA SER A 54 9.66 4.81 -27.13
C SER A 54 9.96 4.53 -25.66
N TRP A 55 9.28 5.23 -24.76
CA TRP A 55 9.36 4.89 -23.34
C TRP A 55 8.87 3.47 -23.08
N PHE A 56 7.73 3.10 -23.67
CA PHE A 56 7.13 1.80 -23.36
C PHE A 56 7.97 0.67 -23.93
N TYR A 57 8.32 0.75 -25.21
CA TYR A 57 9.21 -0.22 -25.82
C TYR A 57 10.57 -0.27 -25.14
N GLY A 58 10.92 0.75 -24.37
CA GLY A 58 12.18 0.69 -23.65
C GLY A 58 12.11 0.19 -22.22
N LEU A 59 10.96 -0.25 -21.74
CA LEU A 59 10.86 -0.77 -20.38
C LEU A 59 11.41 -2.18 -20.29
N PRO A 60 11.86 -2.60 -19.11
CA PRO A 60 12.21 -4.02 -18.94
C PRO A 60 10.97 -4.90 -19.09
N GLY A 61 11.21 -6.15 -19.45
CA GLY A 61 10.15 -7.12 -19.60
C GLY A 61 9.68 -7.25 -21.04
N SER A 62 8.52 -7.90 -21.17
CA SER A 62 7.92 -8.17 -22.46
C SER A 62 6.48 -8.56 -22.22
N GLY A 63 5.69 -8.57 -23.29
CA GLY A 63 4.33 -9.04 -23.19
C GLY A 63 3.55 -8.33 -22.09
N LEU A 64 2.77 -9.11 -21.34
CA LEU A 64 2.00 -8.56 -20.23
C LEU A 64 2.91 -8.13 -19.09
N GLY A 65 4.08 -8.77 -18.92
CA GLY A 65 5.00 -8.33 -17.89
C GLY A 65 5.45 -6.88 -18.08
N ARG A 66 5.64 -6.49 -19.34
CA ARG A 66 6.03 -5.12 -19.62
C ARG A 66 4.89 -4.14 -19.37
N ILE A 67 3.64 -4.52 -19.71
CA ILE A 67 2.49 -3.70 -19.34
C ILE A 67 2.49 -3.46 -17.83
N GLU A 68 2.75 -4.52 -17.07
CA GLU A 68 2.78 -4.41 -15.61
C GLU A 68 3.83 -3.43 -15.16
N ASN A 69 5.03 -3.54 -15.72
CA ASN A 69 6.09 -2.59 -15.38
C ASN A 69 5.66 -1.17 -15.72
N ALA A 70 5.03 -0.97 -16.89
CA ALA A 70 4.51 0.34 -17.24
C ALA A 70 3.52 0.83 -16.19
N MET A 71 2.60 -0.04 -15.79
CA MET A 71 1.61 0.33 -14.77
C MET A 71 2.29 0.70 -13.45
N ASN A 72 3.32 -0.04 -13.05
CA ASN A 72 4.00 0.27 -11.80
C ASN A 72 4.70 1.62 -11.88
N GLU A 73 5.31 1.92 -13.03
CA GLU A 73 5.99 3.20 -13.17
C GLU A 73 4.99 4.35 -13.19
N ILE A 74 3.86 4.18 -13.88
CA ILE A 74 2.93 5.28 -13.98
C ILE A 74 2.19 5.47 -12.67
N SER A 75 2.01 4.38 -11.92
CA SER A 75 1.19 4.46 -10.72
C SER A 75 1.99 4.78 -9.46
N ARG A 76 3.32 4.75 -9.51
CA ARG A 76 4.03 5.14 -8.30
C ARG A 76 4.03 6.66 -8.12
N ARG A 77 4.34 7.07 -6.90
CA ARG A 77 4.21 8.48 -6.52
C ARG A 77 5.03 9.36 -7.45
N GLU A 78 4.43 10.47 -7.88
CA GLU A 78 5.12 11.40 -8.78
C GLU A 78 5.82 12.44 -7.90
N ASN A 79 7.12 12.38 -7.90
CA ASN A 79 8.04 13.14 -7.07
C ASN A 79 8.63 14.32 -7.84
N PRO A 80 8.99 15.38 -7.13
CA PRO A 80 9.68 16.51 -7.80
C PRO A 80 10.94 16.00 -8.49
N LEU A 81 11.15 16.46 -9.72
CA LEU A 81 12.30 16.06 -10.53
C LEU A 81 13.32 17.17 -10.67
N GLU A 82 12.87 18.37 -11.05
CA GLU A 82 13.77 19.50 -11.23
C GLU A 82 14.16 20.09 -9.89
N LYS A 83 15.44 20.38 -9.72
CA LYS A 83 15.92 21.08 -8.55
C LYS A 83 16.08 22.56 -8.89
N ILE A 84 15.91 23.40 -7.87
CA ILE A 84 16.17 24.82 -8.00
C ILE A 84 17.59 25.07 -8.46
N GLU A 85 17.74 25.94 -9.46
CA GLU A 85 19.03 26.51 -9.86
C GLU A 85 18.83 27.98 -10.18
N GLU A 86 19.87 28.77 -9.92
CA GLU A 86 19.90 30.12 -10.45
C GLU A 86 19.79 30.10 -11.96
N GLY A 87 19.03 31.04 -12.51
CA GLY A 87 18.90 31.09 -13.96
C GLY A 87 17.95 30.07 -14.53
N LYS A 88 17.08 29.53 -13.68
CA LYS A 88 16.02 28.60 -14.05
C LYS A 88 14.84 28.88 -13.14
N LEU A 89 13.63 28.63 -13.64
CA LEU A 89 12.45 28.68 -12.80
C LEU A 89 11.84 27.30 -12.70
N VAL A 90 11.57 26.87 -11.46
CA VAL A 90 10.88 25.63 -11.19
C VAL A 90 9.54 26.00 -10.60
N ILE A 91 8.47 25.47 -11.19
CA ILE A 91 7.12 25.80 -10.79
C ILE A 91 6.39 24.51 -10.43
N TRP A 92 5.70 24.52 -9.29
CA TRP A 92 4.81 23.42 -8.94
C TRP A 92 3.37 23.93 -9.04
N ILE A 93 2.52 23.13 -9.67
CA ILE A 93 1.11 23.48 -9.79
C ILE A 93 0.35 22.15 -9.76
N ASN A 94 -0.87 22.19 -9.25
CA ASN A 94 -1.61 20.95 -9.09
C ASN A 94 -1.99 20.33 -10.43
N GLY A 95 -2.06 18.99 -10.44
CA GLY A 95 -2.28 18.17 -11.63
C GLY A 95 -3.62 18.37 -12.33
N ASP A 96 -4.57 19.06 -11.71
CA ASP A 96 -5.85 19.32 -12.37
C ASP A 96 -5.89 20.69 -13.06
N LYS A 97 -4.84 21.48 -12.95
CA LYS A 97 -4.76 22.80 -13.57
C LYS A 97 -4.08 22.71 -14.95
N GLY A 98 -4.19 23.80 -15.72
CA GLY A 98 -3.58 23.81 -17.04
C GLY A 98 -2.06 23.94 -17.04
N TYR A 99 -1.37 22.90 -16.56
CA TYR A 99 0.07 23.03 -16.40
C TYR A 99 0.81 23.04 -17.73
N ASN A 100 0.27 22.40 -18.76
CA ASN A 100 0.90 22.52 -20.09
C ASN A 100 0.76 23.93 -20.65
N GLY A 101 -0.42 24.55 -20.50
CA GLY A 101 -0.54 25.95 -20.87
C GLY A 101 0.42 26.85 -20.11
N LEU A 102 0.54 26.61 -18.79
CA LEU A 102 1.50 27.39 -18.00
C LEU A 102 2.91 27.18 -18.54
N ALA A 103 3.26 25.93 -18.86
CA ALA A 103 4.57 25.67 -19.47
C ALA A 103 4.74 26.48 -20.76
N GLU A 104 3.65 26.70 -21.51
CA GLU A 104 3.74 27.52 -22.71
C GLU A 104 4.05 28.97 -22.35
N VAL A 105 3.47 29.46 -21.26
CA VAL A 105 3.85 30.78 -20.77
C VAL A 105 5.33 30.77 -20.37
N GLY A 106 5.78 29.65 -19.77
CA GLY A 106 7.20 29.50 -19.50
C GLY A 106 8.06 29.60 -20.75
N LYS A 107 7.58 29.04 -21.86
CA LYS A 107 8.34 29.10 -23.11
C LYS A 107 8.40 30.54 -23.65
N LYS A 108 7.32 31.30 -23.48
CA LYS A 108 7.39 32.72 -23.85
C LYS A 108 8.42 33.47 -23.00
N PHE A 109 8.48 33.11 -21.70
CA PHE A 109 9.52 33.67 -20.82
C PHE A 109 10.91 33.27 -21.29
N GLU A 110 11.07 32.00 -21.68
CA GLU A 110 12.39 31.50 -22.08
C GLU A 110 12.84 32.13 -23.40
N LYS A 111 11.90 32.30 -24.34
CA LYS A 111 12.21 33.00 -25.57
C LYS A 111 12.71 34.41 -25.30
N ASP A 112 12.07 35.12 -24.37
CA ASP A 112 12.44 36.51 -24.12
C ASP A 112 13.72 36.62 -23.31
N THR A 113 14.01 35.65 -22.45
CA THR A 113 15.04 35.81 -21.44
C THR A 113 16.10 34.72 -21.48
N GLY A 114 15.87 33.63 -22.21
CA GLY A 114 16.77 32.49 -22.13
C GLY A 114 16.70 31.71 -20.83
N ILE A 115 15.83 32.08 -19.90
CA ILE A 115 15.66 31.33 -18.66
C ILE A 115 14.64 30.23 -18.90
N LYS A 116 15.03 28.97 -18.67
CA LYS A 116 14.11 27.86 -18.82
C LYS A 116 13.14 27.81 -17.64
N VAL A 117 11.89 27.43 -17.93
CA VAL A 117 10.85 27.36 -16.93
C VAL A 117 10.30 25.95 -16.96
N THR A 118 10.52 25.22 -15.87
CA THR A 118 9.98 23.87 -15.75
C THR A 118 8.73 23.93 -14.90
N VAL A 119 7.71 23.19 -15.34
CA VAL A 119 6.46 23.06 -14.63
C VAL A 119 6.29 21.59 -14.26
N GLU A 120 5.96 21.34 -12.99
CA GLU A 120 5.68 19.99 -12.55
C GLU A 120 4.41 20.03 -11.71
N HIS A 121 3.79 18.86 -11.53
CA HIS A 121 2.68 18.69 -10.61
C HIS A 121 3.00 17.54 -9.68
N PRO A 122 4.00 17.70 -8.81
CA PRO A 122 4.35 16.59 -7.92
C PRO A 122 3.20 16.28 -6.99
N ASP A 123 2.98 14.99 -6.74
CA ASP A 123 1.95 14.56 -5.80
C ASP A 123 2.11 15.27 -4.46
N LYS A 124 0.98 15.66 -3.89
CA LYS A 124 0.95 16.31 -2.58
C LYS A 124 1.94 17.45 -2.51
N LEU A 125 1.98 18.26 -3.57
CA LEU A 125 2.95 19.35 -3.63
C LEU A 125 2.74 20.34 -2.49
N GLU A 126 1.50 20.54 -2.08
CA GLU A 126 1.16 21.47 -1.02
C GLU A 126 1.55 20.95 0.35
N GLU A 127 1.79 19.64 0.46
CA GLU A 127 2.39 19.09 1.66
C GLU A 127 3.90 18.99 1.55
N LYS A 128 4.40 18.70 0.36
CA LYS A 128 5.83 18.60 0.18
C LYS A 128 6.49 19.97 0.33
N PHE A 129 5.79 21.02 -0.11
CA PHE A 129 6.36 22.36 -0.07
C PHE A 129 6.81 22.77 1.34
N PRO A 130 5.93 22.76 2.35
CA PRO A 130 6.39 23.23 3.68
C PRO A 130 7.47 22.37 4.28
N GLN A 131 7.61 21.11 3.86
CA GLN A 131 8.70 20.32 4.41
C GLN A 131 10.03 20.58 3.71
N VAL A 132 10.05 20.86 2.40
CA VAL A 132 11.32 21.01 1.70
C VAL A 132 11.73 22.47 1.49
N ALA A 133 10.76 23.38 1.33
CA ALA A 133 11.14 24.78 1.18
C ALA A 133 11.81 25.28 2.44
N ALA A 134 11.40 24.75 3.60
CA ALA A 134 11.99 25.10 4.88
C ALA A 134 13.50 24.93 4.85
N THR A 135 13.99 23.92 4.13
CA THR A 135 15.41 23.61 4.03
C THR A 135 16.01 24.00 2.69
N GLY A 136 15.44 25.00 2.01
CA GLY A 136 16.08 25.54 0.83
C GLY A 136 15.76 24.85 -0.47
N ASP A 137 14.82 23.91 -0.49
CA ASP A 137 14.50 23.21 -1.71
C ASP A 137 13.09 23.57 -2.15
N GLY A 138 12.46 22.69 -2.93
CA GLY A 138 11.16 22.98 -3.47
C GLY A 138 11.28 23.84 -4.71
N PRO A 139 10.18 24.41 -5.19
CA PRO A 139 10.22 25.18 -6.43
C PRO A 139 10.49 26.65 -6.14
N ASP A 140 10.77 27.39 -7.20
CA ASP A 140 10.81 28.84 -7.08
C ASP A 140 9.43 29.42 -6.82
N ILE A 141 8.40 28.81 -7.43
CA ILE A 141 7.04 29.32 -7.45
C ILE A 141 6.12 28.15 -7.14
N ILE A 142 5.23 28.32 -6.17
CA ILE A 142 4.24 27.30 -5.87
C ILE A 142 2.84 27.83 -6.14
N PHE A 143 2.04 27.05 -6.86
CA PHE A 143 0.64 27.36 -7.12
C PHE A 143 -0.28 26.51 -6.25
N TRP A 144 -1.20 27.17 -5.56
CA TRP A 144 -2.28 26.51 -4.83
C TRP A 144 -3.34 27.55 -4.55
N ALA A 145 -4.53 27.08 -4.19
CA ALA A 145 -5.52 28.00 -3.64
C ALA A 145 -4.94 28.71 -2.43
N HIS A 146 -5.48 29.90 -2.15
CA HIS A 146 -4.89 30.78 -1.15
C HIS A 146 -4.94 30.21 0.26
N ASP A 147 -5.79 29.23 0.53
CA ASP A 147 -5.96 28.75 1.91
C ASP A 147 -4.67 28.17 2.48
N ARG A 148 -3.81 27.61 1.64
CA ARG A 148 -2.56 27.02 2.12
C ARG A 148 -1.50 28.05 2.50
N PHE A 149 -1.62 29.29 2.01
CA PHE A 149 -0.45 30.16 1.95
C PHE A 149 -0.15 30.81 3.29
N GLY A 150 -1.16 31.03 4.13
CA GLY A 150 -0.89 31.60 5.44
C GLY A 150 -0.04 30.71 6.32
N GLY A 151 -0.32 29.40 6.29
CA GLY A 151 0.59 28.45 6.93
C GLY A 151 2.01 28.59 6.43
N TYR A 152 2.17 28.67 5.10
CA TYR A 152 3.51 28.87 4.54
C TYR A 152 4.11 30.19 5.02
N ALA A 153 3.33 31.27 4.97
CA ALA A 153 3.86 32.58 5.39
C ALA A 153 4.28 32.56 6.84
N GLN A 154 3.43 32.01 7.71
CA GLN A 154 3.77 31.90 9.13
C GLN A 154 5.09 31.17 9.35
N SER A 155 5.41 30.20 8.52
CA SER A 155 6.65 29.46 8.72
C SER A 155 7.84 30.14 8.05
N GLY A 156 7.65 31.29 7.43
CA GLY A 156 8.73 31.98 6.76
C GLY A 156 9.08 31.46 5.38
N LEU A 157 8.19 30.72 4.74
CA LEU A 157 8.55 30.03 3.51
C LEU A 157 8.35 30.86 2.27
N LEU A 158 7.70 32.01 2.37
CA LEU A 158 7.30 32.78 1.20
C LEU A 158 7.96 34.15 1.21
N ALA A 159 8.46 34.58 0.06
CA ALA A 159 8.87 35.96 -0.10
C ALA A 159 7.67 36.88 -0.01
N GLU A 160 7.85 38.05 0.57
CA GLU A 160 6.80 39.05 0.46
C GLU A 160 6.80 39.59 -0.96
N ILE A 161 5.60 39.71 -1.55
CA ILE A 161 5.48 40.21 -2.92
C ILE A 161 4.93 41.63 -2.86
N THR A 162 5.49 42.50 -3.69
CA THR A 162 5.22 43.93 -3.64
C THR A 162 5.04 44.47 -5.05
N PRO A 163 3.99 44.04 -5.74
CA PRO A 163 3.66 44.68 -7.02
C PRO A 163 3.35 46.14 -6.75
N ASP A 164 3.55 46.97 -7.78
CA ASP A 164 3.29 48.38 -7.52
C ASP A 164 1.79 48.67 -7.65
N LYS A 165 1.43 49.90 -7.32
CA LYS A 165 0.02 50.25 -7.21
C LYS A 165 -0.72 50.02 -8.53
N ALA A 166 -0.10 50.43 -9.65
CA ALA A 166 -0.77 50.29 -10.94
C ALA A 166 -0.94 48.82 -11.32
N PHE A 167 -0.02 47.94 -10.90
CA PHE A 167 -0.24 46.52 -11.10
C PHE A 167 -1.38 46.01 -10.22
N GLN A 168 -1.41 46.46 -8.96
CA GLN A 168 -2.49 46.04 -8.06
C GLN A 168 -3.85 46.42 -8.62
N ASP A 169 -3.97 47.60 -9.24
CA ASP A 169 -5.24 48.03 -9.82
C ASP A 169 -5.75 47.10 -10.91
N LYS A 170 -4.90 46.23 -11.47
CA LYS A 170 -5.36 45.35 -12.56
C LYS A 170 -6.13 44.15 -12.07
N LEU A 171 -6.03 43.79 -10.80
CA LEU A 171 -6.75 42.65 -10.25
C LEU A 171 -7.82 43.15 -9.29
N TYR A 172 -8.86 42.33 -9.09
CA TYR A 172 -9.94 42.71 -8.19
C TYR A 172 -9.42 42.81 -6.76
N PRO A 173 -9.80 43.86 -6.03
CA PRO A 173 -9.28 44.02 -4.66
C PRO A 173 -9.55 42.84 -3.76
N PHE A 174 -10.64 42.10 -3.98
CA PHE A 174 -10.93 41.01 -3.07
C PHE A 174 -10.00 39.83 -3.30
N THR A 175 -9.42 39.71 -4.50
CA THR A 175 -8.43 38.66 -4.71
C THR A 175 -7.10 39.01 -4.03
N TRP A 176 -6.74 40.30 -3.95
CA TRP A 176 -5.58 40.68 -3.14
C TRP A 176 -5.81 40.35 -1.67
N ASP A 177 -7.04 40.58 -1.19
CA ASP A 177 -7.35 40.28 0.21
C ASP A 177 -7.16 38.80 0.51
N ALA A 178 -7.43 37.94 -0.46
CA ALA A 178 -7.28 36.50 -0.24
C ALA A 178 -5.82 36.14 0.05
N VAL A 179 -4.87 36.90 -0.48
CA VAL A 179 -3.45 36.58 -0.34
C VAL A 179 -2.75 37.58 0.59
N ARG A 180 -3.53 38.28 1.41
CA ARG A 180 -3.00 39.20 2.40
C ARG A 180 -2.89 38.45 3.73
N TYR A 181 -1.71 38.45 4.32
CA TYR A 181 -1.49 37.75 5.59
C TYR A 181 -0.63 38.62 6.49
N ASN A 182 -1.17 38.99 7.65
CA ASN A 182 -0.39 39.76 8.64
C ASN A 182 0.11 41.07 8.02
N GLY A 183 -0.73 41.70 7.21
CA GLY A 183 -0.40 42.94 6.57
C GLY A 183 0.55 42.85 5.39
N LYS A 184 0.83 41.64 4.90
CA LYS A 184 1.70 41.44 3.74
C LYS A 184 0.99 40.65 2.66
N LEU A 185 1.25 41.03 1.41
CA LEU A 185 0.89 40.19 0.27
C LEU A 185 1.88 39.05 0.20
N ILE A 186 1.38 37.83 0.11
CA ILE A 186 2.23 36.65 0.13
C ILE A 186 2.11 35.81 -1.12
N ALA A 187 1.28 36.22 -2.08
CA ALA A 187 1.15 35.51 -3.35
C ALA A 187 0.44 36.41 -4.36
N TYR A 188 0.58 36.05 -5.64
CA TYR A 188 -0.15 36.71 -6.70
C TYR A 188 -1.46 35.96 -6.93
N PRO A 189 -2.61 36.61 -6.81
CA PRO A 189 -3.87 35.94 -7.13
C PRO A 189 -4.00 35.73 -8.63
N ILE A 190 -4.52 34.57 -9.02
CA ILE A 190 -4.64 34.16 -10.41
C ILE A 190 -6.09 34.03 -10.83
N ALA A 191 -6.86 33.21 -10.11
CA ALA A 191 -8.20 32.89 -10.54
C ALA A 191 -9.06 32.58 -9.32
N VAL A 192 -10.36 32.81 -9.48
CA VAL A 192 -11.33 32.63 -8.42
C VAL A 192 -12.15 31.39 -8.74
N GLU A 193 -12.08 30.40 -7.85
CA GLU A 193 -12.67 29.08 -8.06
C GLU A 193 -13.83 28.85 -7.10
N ALA A 194 -14.93 28.31 -7.63
CA ALA A 194 -16.07 27.88 -6.82
C ALA A 194 -16.72 26.71 -7.53
N LEU A 195 -17.11 25.71 -6.76
CA LEU A 195 -17.81 24.56 -7.30
C LEU A 195 -19.17 24.99 -7.84
N SER A 196 -19.61 24.33 -8.92
CA SER A 196 -20.94 24.51 -9.47
C SER A 196 -21.56 23.16 -9.71
N LEU A 197 -22.87 23.17 -9.93
CA LEU A 197 -23.58 21.98 -10.32
C LEU A 197 -23.46 21.82 -11.83
N ILE A 198 -23.01 20.65 -12.25
CA ILE A 198 -22.84 20.33 -13.66
C ILE A 198 -23.81 19.20 -13.99
N TYR A 199 -24.64 19.41 -15.00
CA TYR A 199 -25.70 18.47 -15.31
C TYR A 199 -25.79 18.22 -16.80
N ASN A 200 -26.16 17.00 -17.15
CA ASN A 200 -26.35 16.56 -18.53
C ASN A 200 -27.76 16.94 -18.97
N LYS A 201 -27.86 17.93 -19.86
CA LYS A 201 -29.16 18.42 -20.29
C LYS A 201 -29.97 17.38 -21.04
N ASP A 202 -29.32 16.35 -21.60
CA ASP A 202 -30.07 15.30 -22.29
C ASP A 202 -30.73 14.34 -21.31
N LEU A 203 -30.13 14.11 -20.15
CA LEU A 203 -30.76 13.30 -19.12
C LEU A 203 -31.64 14.13 -18.20
N LEU A 204 -31.41 15.43 -18.16
CA LEU A 204 -31.95 16.28 -17.12
C LEU A 204 -32.09 17.71 -17.65
N PRO A 205 -33.18 18.01 -18.35
CA PRO A 205 -33.31 19.37 -18.93
C PRO A 205 -33.38 20.48 -17.90
N ASN A 206 -33.99 20.22 -16.75
CA ASN A 206 -34.02 21.20 -15.66
C ASN A 206 -33.35 20.59 -14.44
N PRO A 207 -32.22 21.14 -14.00
CA PRO A 207 -31.55 20.57 -12.84
C PRO A 207 -32.36 20.83 -11.60
N PRO A 208 -32.25 19.98 -10.58
CA PRO A 208 -33.00 20.20 -9.34
C PRO A 208 -32.47 21.41 -8.62
N LYS A 209 -33.40 22.20 -8.07
CA LYS A 209 -33.02 23.33 -7.25
C LYS A 209 -32.56 22.91 -5.87
N THR A 210 -32.87 21.69 -5.44
CA THR A 210 -32.67 21.31 -4.06
C THR A 210 -31.98 19.96 -3.98
N TRP A 211 -31.09 19.83 -2.99
CA TRP A 211 -30.52 18.52 -2.67
C TRP A 211 -31.60 17.49 -2.39
N GLU A 212 -32.73 17.93 -1.82
CA GLU A 212 -33.76 17.00 -1.39
C GLU A 212 -34.42 16.28 -2.56
N GLU A 213 -34.25 16.78 -3.80
CA GLU A 213 -34.80 16.11 -4.97
C GLU A 213 -33.92 14.98 -5.44
N ILE A 214 -32.65 14.96 -5.02
CA ILE A 214 -31.69 14.01 -5.59
C ILE A 214 -32.07 12.56 -5.32
N PRO A 215 -32.52 12.17 -4.13
CA PRO A 215 -32.89 10.76 -3.95
C PRO A 215 -33.95 10.28 -4.93
N ALA A 216 -35.02 11.07 -5.11
CA ALA A 216 -36.04 10.67 -6.07
C ALA A 216 -35.50 10.69 -7.49
N LEU A 217 -34.69 11.70 -7.82
CA LEU A 217 -34.04 11.73 -9.13
C LEU A 217 -33.24 10.45 -9.37
N ASP A 218 -32.44 10.05 -8.37
CA ASP A 218 -31.64 8.85 -8.52
C ASP A 218 -32.50 7.61 -8.71
N LYS A 219 -33.62 7.55 -8.01
CA LYS A 219 -34.54 6.44 -8.14
C LYS A 219 -34.98 6.26 -9.60
N GLU A 220 -35.44 7.33 -10.23
CA GLU A 220 -35.95 7.15 -11.60
C GLU A 220 -34.83 6.91 -12.60
N LEU A 221 -33.63 7.44 -12.35
CA LEU A 221 -32.53 7.25 -13.28
C LEU A 221 -31.94 5.84 -13.18
N LYS A 222 -31.89 5.27 -11.97
CA LYS A 222 -31.45 3.88 -11.85
C LYS A 222 -32.35 2.95 -12.66
N ALA A 223 -33.66 3.24 -12.68
CA ALA A 223 -34.59 2.47 -13.49
C ALA A 223 -34.16 2.44 -14.96
N LYS A 224 -33.64 3.56 -15.47
CA LYS A 224 -33.10 3.60 -16.82
C LYS A 224 -31.61 3.27 -16.83
N GLY A 225 -31.09 2.66 -15.77
CA GLY A 225 -29.70 2.29 -15.71
C GLY A 225 -28.72 3.43 -15.50
N LYS A 226 -29.18 4.59 -15.04
CA LYS A 226 -28.33 5.75 -14.84
C LYS A 226 -28.27 6.11 -13.35
N SER A 227 -27.42 7.09 -13.05
CA SER A 227 -27.23 7.63 -11.72
C SER A 227 -27.66 9.10 -11.72
N ALA A 228 -28.08 9.61 -10.56
CA ALA A 228 -28.46 11.03 -10.51
C ALA A 228 -27.26 11.94 -10.35
N LEU A 229 -26.31 11.56 -9.49
CA LEU A 229 -25.25 12.47 -9.10
C LEU A 229 -24.03 11.69 -8.67
N MET A 230 -22.88 12.04 -9.23
CA MET A 230 -21.62 11.50 -8.76
C MET A 230 -20.63 12.64 -8.63
N PHE A 231 -19.90 12.69 -7.52
CA PHE A 231 -18.83 13.66 -7.33
C PHE A 231 -17.84 13.08 -6.33
N ASN A 232 -16.68 13.72 -6.25
CA ASN A 232 -15.57 13.21 -5.45
C ASN A 232 -15.92 13.27 -3.96
N LEU A 233 -16.17 12.12 -3.34
CA LEU A 233 -16.50 12.04 -1.92
C LEU A 233 -15.27 11.95 -1.04
N GLN A 234 -14.08 11.83 -1.63
CA GLN A 234 -12.83 11.66 -0.90
C GLN A 234 -12.22 12.97 -0.42
N GLU A 235 -12.62 14.11 -0.98
CA GLU A 235 -12.00 15.39 -0.67
C GLU A 235 -13.07 16.30 -0.11
N PRO A 236 -12.90 16.81 1.12
CA PRO A 236 -13.98 17.59 1.75
C PRO A 236 -14.33 18.88 1.02
N TYR A 237 -13.47 19.35 0.12
CA TYR A 237 -13.80 20.52 -0.70
C TYR A 237 -15.13 20.35 -1.41
N PHE A 238 -15.40 19.14 -1.91
CA PHE A 238 -16.58 18.86 -2.70
C PHE A 238 -17.82 18.66 -1.86
N THR A 239 -17.65 18.22 -0.61
CA THR A 239 -18.79 17.99 0.27
C THR A 239 -19.07 19.17 1.16
N TRP A 240 -18.08 20.02 1.42
CA TRP A 240 -18.27 21.23 2.21
C TRP A 240 -19.49 22.06 1.82
N PRO A 241 -19.77 22.34 0.53
CA PRO A 241 -20.92 23.22 0.22
C PRO A 241 -22.23 22.76 0.83
N LEU A 242 -22.46 21.45 0.83
CA LEU A 242 -23.64 20.88 1.48
C LEU A 242 -23.54 21.00 3.00
N ILE A 243 -22.35 20.77 3.56
CA ILE A 243 -22.14 20.85 5.00
C ILE A 243 -22.32 22.27 5.49
N ALA A 244 -21.80 23.25 4.73
CA ALA A 244 -21.96 24.65 5.13
C ALA A 244 -23.38 25.16 4.94
N ALA A 245 -24.17 24.54 4.06
CA ALA A 245 -25.41 25.13 3.59
C ALA A 245 -26.31 25.58 4.73
N ASP A 246 -26.48 24.73 5.72
CA ASP A 246 -27.43 24.97 6.80
C ASP A 246 -26.75 25.40 8.10
N GLY A 247 -25.52 25.89 8.03
CA GLY A 247 -24.92 26.48 9.22
C GLY A 247 -23.48 26.14 9.48
N GLY A 248 -22.98 25.05 8.91
CA GLY A 248 -21.58 24.70 9.12
C GLY A 248 -20.66 25.82 8.68
N TYR A 249 -19.55 25.98 9.42
CA TYR A 249 -18.50 26.92 9.06
C TYR A 249 -17.18 26.43 9.64
N ALA A 250 -16.08 26.97 9.10
CA ALA A 250 -14.75 26.60 9.61
C ALA A 250 -14.43 27.42 10.85
N PHE A 251 -14.14 28.70 10.67
CA PHE A 251 -13.77 29.58 11.76
C PHE A 251 -14.62 30.82 11.68
N LYS A 252 -15.22 31.21 12.80
CA LYS A 252 -16.02 32.42 12.82
C LYS A 252 -15.13 33.63 12.65
N TYR A 253 -15.44 34.46 11.67
CA TYR A 253 -14.70 35.69 11.41
C TYR A 253 -15.40 36.81 12.17
N GLU A 254 -14.69 37.42 13.12
CA GLU A 254 -15.26 38.49 13.93
C GLU A 254 -15.08 39.82 13.23
N ASN A 255 -15.17 40.92 14.00
CA ASN A 255 -15.01 42.25 13.42
C ASN A 255 -13.68 42.39 12.70
N GLY A 256 -12.61 41.84 13.27
CA GLY A 256 -11.29 41.98 12.68
C GLY A 256 -10.66 40.70 12.20
N LYS A 257 -10.69 39.65 13.03
CA LYS A 257 -9.92 38.46 12.76
C LYS A 257 -10.81 37.22 12.78
N TYR A 258 -10.23 36.12 12.32
CA TYR A 258 -10.82 34.80 12.52
C TYR A 258 -10.53 34.32 13.94
N ASP A 259 -11.48 33.59 14.51
CA ASP A 259 -11.35 33.05 15.86
C ASP A 259 -11.16 31.55 15.71
N ILE A 260 -9.91 31.08 15.81
CA ILE A 260 -9.65 29.65 15.65
C ILE A 260 -10.24 28.83 16.78
N LYS A 261 -10.77 29.47 17.81
CA LYS A 261 -11.46 28.74 18.86
C LYS A 261 -12.95 28.62 18.57
N ASP A 262 -13.50 29.48 17.71
CA ASP A 262 -14.90 29.39 17.32
C ASP A 262 -15.01 28.59 16.02
N VAL A 263 -15.03 27.26 16.16
CA VAL A 263 -15.16 26.34 15.04
C VAL A 263 -16.62 25.91 14.90
N GLY A 264 -17.05 25.71 13.66
CA GLY A 264 -18.43 25.34 13.43
C GLY A 264 -18.63 24.08 12.60
N VAL A 265 -17.64 23.16 12.63
CA VAL A 265 -17.82 21.92 11.89
C VAL A 265 -18.75 20.94 12.60
N ASP A 266 -19.15 21.24 13.83
CA ASP A 266 -19.93 20.28 14.61
C ASP A 266 -21.22 20.90 15.12
N ASN A 267 -21.85 21.78 14.32
CA ASN A 267 -23.12 22.38 14.70
C ASN A 267 -24.26 21.68 13.96
N ALA A 268 -25.50 22.11 14.25
CA ALA A 268 -26.66 21.44 13.68
C ALA A 268 -26.62 21.48 12.17
N GLY A 269 -26.15 22.60 11.60
CA GLY A 269 -26.08 22.70 10.16
C GLY A 269 -25.12 21.70 9.56
N ALA A 270 -23.89 21.64 10.10
CA ALA A 270 -22.90 20.68 9.66
C ALA A 270 -23.40 19.24 9.85
N LYS A 271 -24.02 18.95 11.00
CA LYS A 271 -24.54 17.61 11.23
C LYS A 271 -25.63 17.27 10.22
N ALA A 272 -26.48 18.24 9.89
CA ALA A 272 -27.56 17.99 8.94
C ALA A 272 -27.00 17.71 7.55
N GLY A 273 -26.08 18.55 7.09
CA GLY A 273 -25.52 18.37 5.76
C GLY A 273 -24.85 17.02 5.60
N LEU A 274 -23.99 16.66 6.54
CA LEU A 274 -23.29 15.38 6.44
C LEU A 274 -24.26 14.22 6.61
N THR A 275 -25.28 14.37 7.47
CA THR A 275 -26.28 13.31 7.58
C THR A 275 -26.98 13.10 6.26
N PHE A 276 -27.37 14.19 5.59
CA PHE A 276 -27.93 14.03 4.25
C PHE A 276 -26.95 13.31 3.32
N LEU A 277 -25.67 13.63 3.41
CA LEU A 277 -24.70 12.96 2.54
C LEU A 277 -24.66 11.47 2.83
N VAL A 278 -24.52 11.12 4.12
CA VAL A 278 -24.45 9.70 4.50
C VAL A 278 -25.74 8.99 4.13
N ASP A 279 -26.88 9.67 4.26
CA ASP A 279 -28.15 9.06 3.89
C ASP A 279 -28.20 8.75 2.39
N LEU A 280 -27.61 9.61 1.55
CA LEU A 280 -27.51 9.29 0.13
C LEU A 280 -26.75 7.99 -0.08
N ILE A 281 -25.71 7.75 0.74
CA ILE A 281 -24.89 6.55 0.60
C ILE A 281 -25.59 5.34 1.20
N LYS A 282 -26.16 5.48 2.40
CA LYS A 282 -26.86 4.35 3.00
C LYS A 282 -28.00 3.87 2.12
N ASN A 283 -28.62 4.77 1.35
CA ASN A 283 -29.67 4.39 0.44
C ASN A 283 -29.17 4.09 -0.97
N LYS A 284 -27.85 3.97 -1.15
CA LYS A 284 -27.28 3.49 -2.39
C LYS A 284 -27.60 4.41 -3.57
N HIS A 285 -27.82 5.70 -3.29
CA HIS A 285 -27.88 6.69 -4.34
C HIS A 285 -26.48 7.12 -4.78
N MET A 286 -25.51 7.00 -3.89
CA MET A 286 -24.11 7.29 -4.15
C MET A 286 -23.26 6.24 -3.46
N ASN A 287 -22.00 6.19 -3.86
CA ASN A 287 -21.06 5.18 -3.42
C ASN A 287 -19.96 5.86 -2.62
N ALA A 288 -19.74 5.40 -1.39
CA ALA A 288 -18.72 6.02 -0.54
C ALA A 288 -17.32 6.00 -1.16
N ASP A 289 -17.10 5.19 -2.20
CA ASP A 289 -15.78 5.03 -2.82
C ASP A 289 -15.60 5.86 -4.08
N THR A 290 -16.63 6.59 -4.51
CA THR A 290 -16.49 7.47 -5.65
C THR A 290 -15.42 8.53 -5.38
N ASP A 291 -14.41 8.57 -6.23
CA ASP A 291 -13.39 9.60 -6.15
C ASP A 291 -13.52 10.53 -7.36
N TYR A 292 -12.49 11.37 -7.57
CA TYR A 292 -12.56 12.34 -8.64
C TYR A 292 -12.67 11.66 -9.99
N SER A 293 -11.78 10.70 -10.27
CA SER A 293 -11.72 10.11 -11.61
C SER A 293 -12.99 9.31 -11.92
N ILE A 294 -13.50 8.55 -10.94
CA ILE A 294 -14.73 7.77 -11.16
C ILE A 294 -15.89 8.69 -11.53
N ALA A 295 -16.08 9.77 -10.76
CA ALA A 295 -17.17 10.69 -11.04
C ALA A 295 -17.01 11.34 -12.41
N GLU A 296 -15.79 11.80 -12.71
CA GLU A 296 -15.56 12.44 -14.00
C GLU A 296 -15.88 11.48 -15.14
N ALA A 297 -15.30 10.27 -15.10
CA ALA A 297 -15.57 9.28 -16.15
C ALA A 297 -17.06 9.00 -16.28
N ALA A 298 -17.76 8.84 -15.15
CA ALA A 298 -19.20 8.56 -15.20
C ALA A 298 -19.97 9.71 -15.82
N PHE A 299 -19.64 10.96 -15.46
CA PHE A 299 -20.40 12.06 -16.01
C PHE A 299 -20.09 12.27 -17.49
N ASN A 300 -18.81 12.19 -17.86
CA ASN A 300 -18.40 12.46 -19.23
C ASN A 300 -18.80 11.34 -20.19
N LYS A 301 -19.21 10.18 -19.68
CA LYS A 301 -19.76 9.11 -20.50
C LYS A 301 -21.28 9.06 -20.44
N GLY A 302 -21.92 10.01 -19.77
CA GLY A 302 -23.37 10.03 -19.72
C GLY A 302 -23.99 8.96 -18.86
N GLU A 303 -23.25 8.46 -17.86
CA GLU A 303 -23.79 7.45 -16.97
C GLU A 303 -24.46 8.03 -15.73
N THR A 304 -24.09 9.25 -15.35
CA THR A 304 -24.73 9.97 -14.25
C THR A 304 -25.17 11.33 -14.74
N ALA A 305 -26.33 11.79 -14.26
CA ALA A 305 -26.93 13.02 -14.78
C ALA A 305 -26.26 14.28 -14.27
N MET A 306 -25.54 14.21 -13.16
CA MET A 306 -24.99 15.42 -12.56
C MET A 306 -23.67 15.10 -11.89
N THR A 307 -22.88 16.15 -11.72
CA THR A 307 -21.65 16.09 -10.96
C THR A 307 -21.45 17.46 -10.34
N ILE A 308 -20.49 17.55 -9.45
CA ILE A 308 -20.13 18.78 -8.78
C ILE A 308 -18.65 18.97 -9.01
N ASN A 309 -18.29 20.06 -9.69
CA ASN A 309 -16.88 20.26 -10.03
C ASN A 309 -16.63 21.74 -10.33
N GLY A 310 -15.35 22.06 -10.49
CA GLY A 310 -14.91 23.40 -10.78
C GLY A 310 -14.55 23.56 -12.24
N PRO A 311 -14.21 24.79 -12.62
CA PRO A 311 -13.97 25.09 -14.06
C PRO A 311 -12.87 24.27 -14.68
N TRP A 312 -11.87 23.86 -13.89
CA TRP A 312 -10.79 23.04 -14.39
C TRP A 312 -11.27 21.76 -15.07
N ALA A 313 -12.54 21.39 -14.89
CA ALA A 313 -13.10 20.17 -15.45
C ALA A 313 -13.89 20.39 -16.74
N TRP A 314 -14.18 21.65 -17.11
CA TRP A 314 -15.15 21.93 -18.16
C TRP A 314 -14.70 21.42 -19.53
N SER A 315 -13.42 21.63 -19.88
CA SER A 315 -13.00 21.29 -21.23
C SER A 315 -12.97 19.79 -21.46
N ASN A 316 -12.76 19.00 -20.40
CA ASN A 316 -12.90 17.55 -20.54
C ASN A 316 -14.32 17.19 -20.93
N ILE A 317 -15.29 17.94 -20.40
CA ILE A 317 -16.68 17.65 -20.73
C ILE A 317 -16.99 18.11 -22.15
N ASP A 318 -16.46 19.28 -22.56
CA ASP A 318 -16.55 19.70 -23.95
C ASP A 318 -16.14 18.57 -24.89
N THR A 319 -14.98 17.97 -24.64
CA THR A 319 -14.45 16.90 -25.48
C THR A 319 -15.37 15.68 -25.49
N SER A 320 -15.97 15.36 -24.35
CA SER A 320 -16.86 14.23 -24.24
C SER A 320 -18.15 14.44 -25.01
N LYS A 321 -18.45 15.68 -25.41
CA LYS A 321 -19.62 16.07 -26.19
C LYS A 321 -20.93 15.93 -25.44
N VAL A 322 -20.89 15.74 -24.11
CA VAL A 322 -22.13 15.77 -23.35
C VAL A 322 -22.76 17.15 -23.46
N ASN A 323 -24.08 17.18 -23.62
CA ASN A 323 -24.83 18.43 -23.65
C ASN A 323 -25.01 18.90 -22.20
N TYR A 324 -24.04 19.67 -21.71
CA TYR A 324 -24.01 19.96 -20.28
C TYR A 324 -24.36 21.41 -19.98
N GLY A 325 -24.80 21.62 -18.74
CA GLY A 325 -25.01 22.95 -18.22
C GLY A 325 -24.31 23.12 -16.89
N VAL A 326 -23.99 24.37 -16.57
CA VAL A 326 -23.30 24.71 -15.34
C VAL A 326 -24.21 25.70 -14.60
N THR A 327 -24.57 25.37 -13.38
CA THR A 327 -25.60 26.17 -12.73
C THR A 327 -25.35 26.21 -11.23
N VAL A 328 -26.23 26.94 -10.55
CA VAL A 328 -26.10 27.16 -9.11
C VAL A 328 -26.33 25.83 -8.40
N LEU A 329 -25.55 25.61 -7.33
CA LEU A 329 -25.67 24.38 -6.57
C LEU A 329 -27.08 24.26 -6.00
N PRO A 330 -27.52 23.03 -5.69
CA PRO A 330 -28.84 22.87 -5.10
C PRO A 330 -28.90 23.53 -3.73
N THR A 331 -30.10 23.91 -3.33
CA THR A 331 -30.27 24.36 -1.96
C THR A 331 -30.39 23.14 -1.05
N PHE A 332 -30.12 23.36 0.23
CA PHE A 332 -30.36 22.37 1.27
C PHE A 332 -31.15 23.06 2.37
N LYS A 333 -32.28 22.46 2.74
CA LYS A 333 -33.16 23.04 3.76
C LYS A 333 -33.57 24.46 3.39
N GLY A 334 -33.71 24.73 2.10
CA GLY A 334 -34.01 26.06 1.62
C GLY A 334 -32.82 27.00 1.59
N GLN A 335 -31.63 26.56 2.01
CA GLN A 335 -30.47 27.43 2.10
C GLN A 335 -29.49 27.14 0.96
N PRO A 336 -28.86 28.16 0.40
CA PRO A 336 -27.88 27.91 -0.67
C PRO A 336 -26.71 27.07 -0.15
N SER A 337 -26.31 26.10 -0.97
CA SER A 337 -25.01 25.47 -0.77
C SER A 337 -23.93 26.55 -0.76
N LYS A 338 -22.95 26.39 0.15
CA LYS A 338 -21.99 27.45 0.43
C LYS A 338 -20.59 26.93 0.14
N PRO A 339 -20.19 26.96 -1.12
CA PRO A 339 -18.87 26.44 -1.48
C PRO A 339 -17.79 27.34 -0.92
N PHE A 340 -16.67 26.72 -0.56
CA PHE A 340 -15.49 27.50 -0.19
C PHE A 340 -14.84 28.00 -1.46
N VAL A 341 -14.65 29.31 -1.53
CA VAL A 341 -14.08 29.95 -2.71
C VAL A 341 -12.57 29.97 -2.55
N GLY A 342 -11.86 29.38 -3.51
CA GLY A 342 -10.42 29.42 -3.53
C GLY A 342 -9.94 30.41 -4.57
N VAL A 343 -8.84 31.07 -4.25
CA VAL A 343 -8.16 31.96 -5.19
C VAL A 343 -6.87 31.24 -5.58
N LEU A 344 -6.86 30.64 -6.76
CA LEU A 344 -5.61 30.04 -7.25
C LEU A 344 -4.54 31.11 -7.18
N SER A 345 -3.45 30.82 -6.49
CA SER A 345 -2.48 31.85 -6.17
C SER A 345 -1.08 31.31 -6.40
N ALA A 346 -0.15 32.22 -6.70
CA ALA A 346 1.23 31.86 -6.99
C ALA A 346 2.14 32.57 -5.99
N GLY A 347 2.75 31.78 -5.10
CA GLY A 347 3.68 32.31 -4.12
C GLY A 347 5.11 32.06 -4.57
N ILE A 348 6.03 32.92 -4.12
CA ILE A 348 7.45 32.77 -4.40
C ILE A 348 8.13 32.18 -3.18
N ASN A 349 8.86 31.08 -3.38
CA ASN A 349 9.60 30.42 -2.32
C ASN A 349 10.61 31.38 -1.72
N ALA A 350 10.57 31.52 -0.38
CA ALA A 350 11.57 32.37 0.28
C ALA A 350 12.98 31.87 0.05
N ALA A 351 13.15 30.60 -0.29
CA ALA A 351 14.46 30.05 -0.60
C ALA A 351 14.83 30.14 -2.08
N SER A 352 13.94 30.67 -2.94
CA SER A 352 14.28 30.77 -4.35
C SER A 352 15.45 31.72 -4.56
N PRO A 353 16.48 31.32 -5.30
CA PRO A 353 17.50 32.27 -5.74
C PRO A 353 17.12 33.03 -7.00
N ASN A 354 15.85 33.00 -7.39
CA ASN A 354 15.38 33.59 -8.66
C ASN A 354 14.20 34.52 -8.42
N LYS A 355 14.22 35.24 -7.31
CA LYS A 355 13.05 35.99 -6.87
C LYS A 355 12.65 37.08 -7.87
N GLU A 356 13.64 37.79 -8.43
CA GLU A 356 13.29 38.82 -9.41
C GLU A 356 12.78 38.20 -10.70
N LEU A 357 13.34 37.04 -11.10
CA LEU A 357 12.82 36.37 -12.30
C LEU A 357 11.40 35.84 -12.06
N ALA A 358 11.14 35.35 -10.85
CA ALA A 358 9.80 34.87 -10.53
C ALA A 358 8.78 36.00 -10.61
N LYS A 359 9.09 37.12 -9.96
CA LYS A 359 8.22 38.30 -10.01
C LYS A 359 7.97 38.72 -11.45
N GLU A 360 9.03 38.83 -12.22
CA GLU A 360 8.90 39.21 -13.62
C GLU A 360 8.04 38.21 -14.39
N PHE A 361 8.22 36.92 -14.11
CA PHE A 361 7.42 35.91 -14.80
C PHE A 361 5.95 36.06 -14.44
N LEU A 362 5.65 36.16 -13.14
CA LEU A 362 4.26 36.27 -12.71
C LEU A 362 3.61 37.57 -13.18
N GLU A 363 4.31 38.71 -13.07
CA GLU A 363 3.63 39.99 -13.36
C GLU A 363 3.52 40.25 -14.86
N ASN A 364 4.57 40.00 -15.61
CA ASN A 364 4.64 40.44 -17.00
C ASN A 364 4.41 39.33 -18.02
N TYR A 365 4.20 38.09 -17.57
CA TYR A 365 3.93 36.99 -18.50
C TYR A 365 2.65 36.29 -18.10
N LEU A 366 2.60 35.79 -16.86
CA LEU A 366 1.44 35.04 -16.44
C LEU A 366 0.22 35.94 -16.30
N LEU A 367 0.31 36.98 -15.47
CA LEU A 367 -0.85 37.82 -15.16
C LEU A 367 -1.07 38.89 -16.25
N THR A 368 -1.22 38.41 -17.48
CA THR A 368 -1.61 39.19 -18.64
C THR A 368 -2.76 38.45 -19.32
N ASP A 369 -3.51 39.16 -20.17
CA ASP A 369 -4.57 38.49 -20.91
C ASP A 369 -4.02 37.29 -21.67
N GLU A 370 -2.84 37.45 -22.28
CA GLU A 370 -2.26 36.38 -23.09
C GLU A 370 -1.78 35.21 -22.23
N GLY A 371 -1.19 35.49 -21.08
CA GLY A 371 -0.72 34.43 -20.19
C GLY A 371 -1.87 33.60 -19.62
N LEU A 372 -2.92 34.27 -19.14
CA LEU A 372 -4.04 33.53 -18.57
C LEU A 372 -4.79 32.74 -19.63
N GLU A 373 -4.88 33.29 -20.84
CA GLU A 373 -5.56 32.56 -21.91
C GLU A 373 -4.83 31.25 -22.23
N ALA A 374 -3.50 31.25 -22.20
CA ALA A 374 -2.74 30.05 -22.50
C ALA A 374 -2.99 28.97 -21.46
N VAL A 375 -3.02 29.35 -20.19
CA VAL A 375 -3.40 28.42 -19.13
C VAL A 375 -4.84 27.97 -19.31
N ASN A 376 -5.73 28.94 -19.56
CA ASN A 376 -7.16 28.67 -19.63
C ASN A 376 -7.49 27.71 -20.78
N LYS A 377 -6.76 27.80 -21.88
CA LYS A 377 -6.96 26.90 -23.02
C LYS A 377 -6.64 25.45 -22.67
N ASP A 378 -5.75 25.23 -21.70
CA ASP A 378 -5.38 23.88 -21.27
C ASP A 378 -6.43 23.30 -20.32
N LYS A 379 -6.67 23.98 -19.19
CA LYS A 379 -7.79 23.67 -18.29
C LYS A 379 -8.36 25.04 -17.92
N PRO A 380 -9.67 25.22 -17.99
CA PRO A 380 -10.24 26.55 -17.69
C PRO A 380 -9.92 26.96 -16.27
N LEU A 381 -9.57 28.23 -16.12
CA LEU A 381 -9.26 28.81 -14.83
C LEU A 381 -10.51 29.19 -14.05
N GLY A 382 -11.66 29.29 -14.72
CA GLY A 382 -12.81 29.92 -14.10
C GLY A 382 -12.72 31.43 -14.20
N ALA A 383 -13.35 32.10 -13.24
CA ALA A 383 -13.14 33.54 -13.11
C ALA A 383 -11.68 33.79 -12.81
N VAL A 384 -11.18 34.92 -13.28
CA VAL A 384 -9.77 35.24 -13.11
C VAL A 384 -9.68 36.56 -12.34
N ALA A 385 -8.57 36.73 -11.62
CA ALA A 385 -8.38 37.95 -10.86
C ALA A 385 -8.14 39.16 -11.75
N LEU A 386 -7.68 38.93 -12.99
CA LEU A 386 -7.34 40.00 -13.92
C LEU A 386 -8.63 40.54 -14.53
N LYS A 387 -8.93 41.81 -14.24
CA LYS A 387 -10.20 42.43 -14.61
C LYS A 387 -10.40 42.43 -16.13
N SER A 388 -9.40 42.88 -16.88
CA SER A 388 -9.52 42.93 -18.33
C SER A 388 -9.92 41.58 -18.90
N TYR A 389 -9.30 40.50 -18.41
CA TYR A 389 -9.63 39.18 -18.92
C TYR A 389 -10.97 38.69 -18.39
N GLU A 390 -11.24 38.93 -17.10
CA GLU A 390 -12.51 38.54 -16.51
C GLU A 390 -13.71 39.19 -17.21
N GLU A 391 -13.57 40.43 -17.68
CA GLU A 391 -14.71 41.08 -18.34
C GLU A 391 -15.09 40.39 -19.63
N GLU A 392 -14.16 39.68 -20.26
CA GLU A 392 -14.50 38.86 -21.42
C GLU A 392 -15.04 37.50 -20.99
N LEU A 393 -14.47 36.90 -19.93
CA LEU A 393 -14.93 35.60 -19.49
C LEU A 393 -16.32 35.67 -18.89
N ALA A 394 -16.66 36.79 -18.24
CA ALA A 394 -17.92 36.96 -17.55
C ALA A 394 -19.13 36.86 -18.47
N LYS A 395 -18.93 36.96 -19.80
CA LYS A 395 -19.99 36.74 -20.76
C LYS A 395 -20.32 35.26 -20.95
N ASP A 396 -19.43 34.36 -20.53
CA ASP A 396 -19.70 32.93 -20.56
C ASP A 396 -20.65 32.58 -19.41
N PRO A 397 -21.80 31.94 -19.68
CA PRO A 397 -22.74 31.63 -18.58
C PRO A 397 -22.15 30.70 -17.54
N ARG A 398 -21.18 29.85 -17.92
CA ARG A 398 -20.52 28.99 -16.93
C ARG A 398 -19.71 29.82 -15.94
N ILE A 399 -19.15 30.93 -16.40
CA ILE A 399 -18.45 31.84 -15.49
C ILE A 399 -19.46 32.57 -14.61
N ALA A 400 -20.57 33.02 -15.20
CA ALA A 400 -21.63 33.64 -14.40
C ALA A 400 -22.11 32.68 -13.31
N ALA A 401 -22.29 31.40 -13.66
CA ALA A 401 -22.71 30.42 -12.66
C ALA A 401 -21.64 30.21 -11.59
N THR A 402 -20.37 30.16 -12.01
CA THR A 402 -19.27 30.09 -11.05
C THR A 402 -19.33 31.26 -10.07
N MET A 403 -19.56 32.47 -10.57
CA MET A 403 -19.57 33.63 -9.67
C MET A 403 -20.81 33.64 -8.78
N GLU A 404 -21.92 33.10 -9.27
CA GLU A 404 -23.12 33.01 -8.43
C GLU A 404 -22.89 32.07 -7.26
N ASN A 405 -22.33 30.88 -7.53
CA ASN A 405 -22.00 29.98 -6.44
C ASN A 405 -20.96 30.59 -5.51
N ALA A 406 -19.93 31.23 -6.07
CA ALA A 406 -18.96 31.93 -5.24
C ALA A 406 -19.64 32.96 -4.32
N GLN A 407 -20.53 33.78 -4.87
CA GLN A 407 -21.19 34.81 -4.06
C GLN A 407 -22.05 34.21 -2.96
N LYS A 408 -22.61 33.03 -3.19
CA LYS A 408 -23.34 32.34 -2.14
C LYS A 408 -22.43 31.61 -1.15
N GLY A 409 -21.15 31.52 -1.44
CA GLY A 409 -20.20 30.84 -0.58
C GLY A 409 -19.38 31.82 0.25
N GLU A 410 -18.18 31.38 0.63
CA GLU A 410 -17.27 32.21 1.41
C GLU A 410 -15.86 32.05 0.86
N ILE A 411 -15.12 33.17 0.79
CA ILE A 411 -13.68 33.08 0.58
C ILE A 411 -13.08 32.24 1.69
N MET A 412 -12.20 31.30 1.33
CA MET A 412 -11.55 30.50 2.36
C MET A 412 -10.65 31.38 3.22
N PRO A 413 -10.61 31.14 4.51
CA PRO A 413 -9.55 31.75 5.32
C PRO A 413 -8.21 31.28 4.82
N ASN A 414 -7.18 32.09 5.04
CA ASN A 414 -5.83 31.68 4.72
C ASN A 414 -4.99 31.46 5.96
N ILE A 415 -5.62 31.41 7.13
CA ILE A 415 -4.88 31.25 8.39
C ILE A 415 -4.20 29.87 8.45
N PRO A 416 -3.14 29.73 9.26
CA PRO A 416 -2.44 28.43 9.36
C PRO A 416 -3.32 27.24 9.69
N GLN A 417 -4.32 27.40 10.54
CA GLN A 417 -5.08 26.22 10.96
C GLN A 417 -6.03 25.70 9.88
N MET A 418 -6.17 26.39 8.74
CA MET A 418 -7.00 25.86 7.66
C MET A 418 -6.57 24.44 7.27
N SER A 419 -5.27 24.20 7.26
CA SER A 419 -4.74 22.87 7.00
C SER A 419 -5.36 21.85 7.95
N ALA A 420 -5.33 22.16 9.26
CA ALA A 420 -5.88 21.22 10.25
C ALA A 420 -7.37 21.04 10.06
N PHE A 421 -8.08 22.12 9.77
CA PHE A 421 -9.50 22.04 9.50
C PHE A 421 -9.78 21.07 8.36
N TRP A 422 -9.06 21.23 7.25
CA TRP A 422 -9.29 20.37 6.09
C TRP A 422 -9.02 18.91 6.43
N TYR A 423 -7.87 18.62 7.06
CA TYR A 423 -7.54 17.24 7.42
C TYR A 423 -8.63 16.62 8.30
N ALA A 424 -9.15 17.40 9.25
CA ALA A 424 -10.19 16.91 10.15
C ALA A 424 -11.51 16.69 9.43
N VAL A 425 -11.91 17.61 8.54
CA VAL A 425 -13.16 17.41 7.84
C VAL A 425 -13.06 16.25 6.87
N ARG A 426 -11.90 16.06 6.23
CA ARG A 426 -11.73 14.92 5.32
C ARG A 426 -11.90 13.61 6.08
N THR A 427 -11.26 13.49 7.25
CA THR A 427 -11.39 12.28 8.03
C THR A 427 -12.83 12.07 8.47
N ALA A 428 -13.50 13.15 8.84
CA ALA A 428 -14.88 13.02 9.31
C ALA A 428 -15.80 12.52 8.21
N VAL A 429 -15.64 13.05 6.99
CA VAL A 429 -16.56 12.67 5.92
C VAL A 429 -16.34 11.22 5.51
N ILE A 430 -15.07 10.82 5.32
CA ILE A 430 -14.78 9.46 4.90
C ILE A 430 -15.26 8.46 5.95
N ASN A 431 -15.08 8.79 7.23
CA ASN A 431 -15.50 7.87 8.29
C ASN A 431 -17.02 7.80 8.38
N ALA A 432 -17.71 8.92 8.23
CA ALA A 432 -19.17 8.88 8.23
C ALA A 432 -19.70 8.24 6.96
N ALA A 433 -19.09 8.56 5.81
CA ALA A 433 -19.51 7.96 4.54
C ALA A 433 -19.35 6.44 4.56
N SER A 434 -18.25 5.96 5.10
CA SER A 434 -17.96 4.53 5.10
C SER A 434 -18.59 3.80 6.27
N GLY A 435 -19.27 4.50 7.17
CA GLY A 435 -19.83 3.82 8.31
C GLY A 435 -18.84 3.41 9.38
N ARG A 436 -17.57 3.85 9.29
CA ARG A 436 -16.66 3.65 10.41
C ARG A 436 -17.07 4.48 11.63
N GLN A 437 -17.70 5.63 11.42
CA GLN A 437 -18.20 6.44 12.53
C GLN A 437 -19.58 6.98 12.17
N THR A 438 -20.33 7.32 13.21
CA THR A 438 -21.56 8.07 13.01
C THR A 438 -21.24 9.52 12.68
N VAL A 439 -22.26 10.22 12.16
CA VAL A 439 -22.11 11.63 11.83
C VAL A 439 -21.70 12.43 13.06
N ASP A 440 -22.43 12.26 14.17
CA ASP A 440 -22.16 13.05 15.36
C ASP A 440 -20.74 12.81 15.88
N GLU A 441 -20.29 11.55 15.88
CA GLU A 441 -18.97 11.27 16.43
C GLU A 441 -17.85 11.61 15.45
N ALA A 442 -18.13 11.58 14.15
CA ALA A 442 -17.13 12.02 13.20
C ALA A 442 -16.95 13.53 13.28
N LEU A 443 -18.05 14.27 13.37
CA LEU A 443 -17.95 15.73 13.44
C LEU A 443 -17.45 16.19 14.81
N LYS A 444 -17.69 15.39 15.85
CA LYS A 444 -17.11 15.72 17.15
C LYS A 444 -15.60 15.65 17.10
N ASP A 445 -15.06 14.61 16.44
CA ASP A 445 -13.61 14.51 16.30
C ASP A 445 -13.05 15.59 15.40
N ALA A 446 -13.80 15.93 14.35
CA ALA A 446 -13.38 17.00 13.45
C ALA A 446 -13.33 18.33 14.19
N GLN A 447 -14.36 18.63 14.99
CA GLN A 447 -14.33 19.77 15.89
C GLN A 447 -13.02 19.83 16.66
N THR A 448 -12.67 18.72 17.32
CA THR A 448 -11.46 18.68 18.13
C THR A 448 -10.22 18.94 17.27
N ASN A 449 -10.08 18.19 16.18
CA ASN A 449 -8.85 18.24 15.39
C ASN A 449 -8.67 19.57 14.69
N ALA A 450 -9.77 20.26 14.37
CA ALA A 450 -9.66 21.54 13.69
C ALA A 450 -9.09 22.62 14.60
N ALA A 451 -9.54 22.67 15.85
CA ALA A 451 -9.21 23.75 16.77
C ALA A 451 -7.88 23.57 17.50
N ALA A 452 -7.29 22.37 17.45
CA ALA A 452 -5.99 22.14 18.09
C ALA A 452 -4.85 22.68 17.22
N SER B 2 21.57 -16.46 16.76
CA SER B 2 21.95 -16.27 15.37
C SER B 2 21.50 -14.94 14.80
N MET B 3 20.30 -14.52 15.16
CA MET B 3 19.90 -13.12 15.05
C MET B 3 20.30 -12.44 16.35
N LYS B 4 21.37 -11.63 16.32
CA LYS B 4 21.89 -11.00 17.53
C LYS B 4 21.82 -9.48 17.35
N PHE B 5 20.99 -8.84 18.15
CA PHE B 5 20.73 -7.41 17.98
C PHE B 5 21.98 -6.62 18.35
N ILE B 6 22.33 -5.63 17.50
CA ILE B 6 23.47 -4.77 17.79
C ILE B 6 22.93 -3.42 18.24
N LYS B 7 22.20 -2.73 17.37
CA LYS B 7 21.75 -1.38 17.67
C LYS B 7 20.70 -0.97 16.66
N TYR B 8 19.99 0.09 16.99
CA TYR B 8 19.24 0.85 16.01
C TYR B 8 20.18 1.81 15.28
N LEU B 9 19.89 2.03 14.00
CA LEU B 9 20.75 2.89 13.19
C LEU B 9 20.45 4.36 13.39
N SER B 10 19.19 4.72 13.63
CA SER B 10 18.81 6.12 13.74
C SER B 10 18.75 6.54 15.20
N THR B 11 19.30 7.72 15.50
CA THR B 11 19.23 8.25 16.86
C THR B 11 17.81 8.69 17.21
N ALA B 12 17.03 9.10 16.21
CA ALA B 12 15.62 9.45 16.40
C ALA B 12 14.76 8.39 15.72
N HIS B 13 13.73 7.92 16.44
CA HIS B 13 12.72 7.09 15.81
C HIS B 13 11.86 7.95 14.90
N LEU B 14 11.49 7.41 13.75
CA LEU B 14 10.61 8.08 12.80
C LEU B 14 9.28 7.34 12.82
N ASN B 15 8.25 8.01 13.34
CA ASN B 15 6.94 7.38 13.49
C ASN B 15 7.07 6.04 14.20
N TYR B 16 7.94 6.01 15.20
CA TYR B 16 8.21 4.84 16.03
C TYR B 16 8.81 3.69 15.22
N MET B 17 9.30 3.98 14.02
CA MET B 17 10.06 3.04 13.20
C MET B 17 11.55 3.36 13.30
N ASN B 18 12.37 2.31 13.36
CA ASN B 18 13.80 2.51 13.31
C ASN B 18 14.38 1.35 12.52
N ILE B 19 15.68 1.38 12.32
CA ILE B 19 16.37 0.32 11.57
C ILE B 19 17.22 -0.43 12.57
N ALA B 20 16.79 -1.66 12.87
CA ALA B 20 17.53 -2.54 13.77
C ALA B 20 18.61 -3.30 12.99
N VAL B 21 19.83 -3.26 13.52
CA VAL B 21 20.99 -3.90 12.93
C VAL B 21 21.33 -5.12 13.77
N TYR B 22 21.43 -6.28 13.13
CA TYR B 22 21.74 -7.53 13.79
C TYR B 22 23.00 -8.15 13.21
N GLU B 23 23.80 -8.78 14.09
CA GLU B 23 24.73 -9.81 13.63
C GLU B 23 23.90 -11.06 13.30
N ASN B 24 23.93 -11.49 12.06
CA ASN B 24 23.14 -12.63 11.62
C ASN B 24 24.09 -13.78 11.25
N GLY B 25 24.47 -14.55 12.26
CA GLY B 25 25.55 -15.52 12.02
C GLY B 25 26.79 -14.77 11.57
N SER B 26 27.38 -15.22 10.46
CA SER B 26 28.58 -14.57 9.94
C SER B 26 28.27 -13.32 9.12
N LYS B 27 27.01 -12.95 8.95
CA LYS B 27 26.64 -11.81 8.14
C LYS B 27 25.89 -10.80 9.01
N ILE B 28 25.29 -9.82 8.34
CA ILE B 28 24.55 -8.76 9.00
C ILE B 28 23.17 -8.73 8.39
N LYS B 29 22.17 -8.42 9.20
CA LYS B 29 20.83 -8.20 8.67
C LYS B 29 20.27 -6.93 9.28
N ALA B 30 19.69 -6.07 8.43
CA ALA B 30 19.08 -4.83 8.89
C ALA B 30 17.57 -4.91 8.66
N ARG B 31 16.80 -4.54 9.66
CA ARG B 31 15.35 -4.64 9.61
C ARG B 31 14.72 -3.30 9.93
N VAL B 32 13.70 -2.94 9.17
CA VAL B 32 12.86 -1.80 9.52
C VAL B 32 11.82 -2.28 10.53
N GLU B 33 11.93 -1.81 11.77
CA GLU B 33 11.16 -2.36 12.87
C GLU B 33 10.40 -1.27 13.60
N ASN B 34 9.17 -1.59 13.97
CA ASN B 34 8.44 -0.85 14.99
C ASN B 34 9.18 -0.98 16.32
N VAL B 35 9.47 0.17 16.95
CA VAL B 35 10.29 0.10 18.17
C VAL B 35 9.47 -0.16 19.42
N VAL B 36 8.14 -0.21 19.31
CA VAL B 36 7.33 -0.55 20.48
C VAL B 36 7.05 -2.04 20.56
N ASN B 37 6.52 -2.65 19.48
CA ASN B 37 6.20 -4.07 19.51
C ASN B 37 7.17 -4.91 18.68
N GLY B 38 8.21 -4.32 18.11
CA GLY B 38 9.17 -5.10 17.36
C GLY B 38 8.66 -5.70 16.08
N LYS B 39 7.57 -5.18 15.52
CA LYS B 39 7.08 -5.67 14.25
C LYS B 39 8.06 -5.31 13.14
N SER B 40 8.43 -6.30 12.32
CA SER B 40 9.30 -6.06 11.18
C SER B 40 8.48 -5.80 9.93
N VAL B 41 8.85 -4.77 9.18
CA VAL B 41 8.20 -4.49 7.90
C VAL B 41 9.19 -4.64 6.74
N GLY B 42 10.37 -5.18 6.99
CA GLY B 42 11.33 -5.38 5.93
C GLY B 42 12.70 -5.72 6.49
N ALA B 43 13.49 -6.42 5.69
CA ALA B 43 14.84 -6.80 6.08
C ALA B 43 15.70 -6.92 4.83
N ARG B 44 17.01 -6.70 5.01
CA ARG B 44 17.98 -6.99 3.96
C ARG B 44 19.25 -7.47 4.61
N ASP B 45 19.96 -8.33 3.88
CA ASP B 45 21.22 -8.88 4.33
C ASP B 45 22.35 -7.98 3.90
N PHE B 46 23.41 -7.95 4.69
CA PHE B 46 24.65 -7.30 4.32
C PHE B 46 25.81 -8.23 4.70
N ASP B 47 26.93 -8.08 4.00
CA ASP B 47 28.08 -8.92 4.29
C ASP B 47 28.71 -8.60 5.63
N SER B 48 28.70 -7.33 6.02
CA SER B 48 29.36 -6.87 7.23
C SER B 48 28.81 -5.51 7.63
N THR B 49 29.23 -5.05 8.81
CA THR B 49 28.96 -3.69 9.24
C THR B 49 29.49 -2.67 8.24
N GLU B 50 30.70 -2.89 7.74
CA GLU B 50 31.30 -1.99 6.76
C GLU B 50 30.45 -1.88 5.52
N GLN B 51 29.95 -3.01 5.02
CA GLN B 51 29.13 -2.94 3.80
C GLN B 51 27.83 -2.20 4.07
N LEU B 52 27.22 -2.44 5.24
CA LEU B 52 25.99 -1.72 5.61
C LEU B 52 26.24 -0.22 5.70
N GLU B 53 27.33 0.17 6.33
CA GLU B 53 27.65 1.59 6.42
C GLU B 53 27.93 2.19 5.06
N SER B 54 28.67 1.46 4.22
CA SER B 54 29.01 2.01 2.91
C SER B 54 27.77 2.16 2.05
N TRP B 55 26.87 1.18 2.13
CA TRP B 55 25.59 1.29 1.44
C TRP B 55 24.78 2.48 1.99
N PHE B 56 24.75 2.64 3.32
CA PHE B 56 23.89 3.66 3.90
C PHE B 56 24.38 5.08 3.56
N TYR B 57 25.66 5.34 3.82
CA TYR B 57 26.27 6.61 3.45
C TYR B 57 26.17 6.91 1.96
N GLY B 58 25.95 5.90 1.12
CA GLY B 58 25.77 6.15 -0.30
C GLY B 58 24.35 6.36 -0.77
N LEU B 59 23.37 6.40 0.14
CA LEU B 59 21.98 6.64 -0.22
C LEU B 59 21.73 8.13 -0.50
N PRO B 60 20.76 8.46 -1.36
CA PRO B 60 20.39 9.86 -1.54
C PRO B 60 19.88 10.45 -0.22
N GLY B 61 19.87 11.78 -0.18
CA GLY B 61 19.37 12.47 0.99
C GLY B 61 20.42 12.68 2.05
N SER B 62 19.93 13.05 3.24
CA SER B 62 20.79 13.31 4.38
C SER B 62 19.91 13.29 5.62
N GLY B 63 20.55 13.29 6.79
CA GLY B 63 19.83 13.28 8.06
C GLY B 63 18.74 12.23 8.11
N LEU B 64 17.62 12.59 8.75
CA LEU B 64 16.51 11.66 8.86
C LEU B 64 15.92 11.30 7.50
N GLY B 65 16.02 12.21 6.51
CA GLY B 65 15.51 11.87 5.19
C GLY B 65 16.21 10.66 4.58
N ARG B 66 17.52 10.54 4.83
CA ARG B 66 18.26 9.40 4.32
C ARG B 66 17.92 8.13 5.10
N ILE B 67 17.70 8.25 6.41
CA ILE B 67 17.16 7.14 7.19
C ILE B 67 15.87 6.62 6.57
N GLU B 68 15.01 7.56 6.15
CA GLU B 68 13.74 7.23 5.53
C GLU B 68 13.94 6.58 4.16
N ASN B 69 14.91 7.09 3.39
CA ASN B 69 15.25 6.43 2.13
C ASN B 69 15.73 5.01 2.38
N ALA B 70 16.53 4.82 3.43
CA ALA B 70 16.97 3.47 3.79
C ALA B 70 15.80 2.58 4.15
N MET B 71 14.86 3.10 4.95
CA MET B 71 13.68 2.32 5.31
C MET B 71 12.90 1.91 4.08
N ASN B 72 12.76 2.81 3.09
CA ASN B 72 12.04 2.46 1.86
C ASN B 72 12.76 1.37 1.08
N GLU B 73 14.10 1.41 1.04
CA GLU B 73 14.83 0.40 0.29
C GLU B 73 14.75 -0.95 0.98
N ILE B 74 14.78 -0.97 2.32
CA ILE B 74 14.76 -2.22 3.05
C ILE B 74 13.36 -2.83 3.05
N SER B 75 12.32 -1.99 3.10
CA SER B 75 10.97 -2.53 3.20
C SER B 75 10.28 -2.69 1.85
N ARG B 76 10.92 -2.28 0.75
CA ARG B 76 10.33 -2.63 -0.52
C ARG B 76 10.53 -4.12 -0.79
N ARG B 77 9.67 -4.66 -1.66
CA ARG B 77 9.67 -6.07 -1.96
C ARG B 77 11.05 -6.54 -2.41
N GLU B 78 11.48 -7.67 -1.87
CA GLU B 78 12.77 -8.25 -2.27
C GLU B 78 12.54 -9.13 -3.49
N ASN B 79 13.07 -8.71 -4.62
CA ASN B 79 12.89 -9.37 -5.90
C ASN B 79 14.07 -10.26 -6.24
N PRO B 80 13.86 -11.28 -7.08
CA PRO B 80 15.02 -12.05 -7.58
C PRO B 80 15.98 -11.11 -8.29
N LEU B 81 17.26 -11.26 -7.99
CA LEU B 81 18.29 -10.47 -8.66
C LEU B 81 19.08 -11.29 -9.66
N GLU B 82 19.57 -12.46 -9.25
CA GLU B 82 20.42 -13.29 -10.10
C GLU B 82 19.58 -14.07 -11.10
N LYS B 83 19.96 -13.99 -12.37
CA LYS B 83 19.28 -14.71 -13.43
C LYS B 83 19.99 -16.02 -13.73
N ILE B 84 19.21 -17.00 -14.19
CA ILE B 84 19.74 -18.30 -14.60
C ILE B 84 20.80 -18.13 -15.70
N GLU B 85 21.91 -18.85 -15.57
CA GLU B 85 22.84 -18.97 -16.68
C GLU B 85 23.64 -20.25 -16.53
N GLU B 86 24.15 -20.77 -17.66
CA GLU B 86 24.92 -22.00 -17.63
C GLU B 86 26.22 -21.79 -16.86
N GLY B 87 26.58 -22.78 -16.05
CA GLY B 87 27.82 -22.64 -15.29
C GLY B 87 27.68 -21.83 -14.02
N LYS B 88 26.48 -21.68 -13.52
CA LYS B 88 26.27 -21.20 -12.16
C LYS B 88 24.93 -21.75 -11.68
N LEU B 89 24.76 -21.78 -10.38
CA LEU B 89 23.51 -22.24 -9.79
C LEU B 89 22.85 -21.07 -9.08
N VAL B 90 21.56 -20.90 -9.34
CA VAL B 90 20.73 -19.92 -8.64
C VAL B 90 19.77 -20.71 -7.76
N ILE B 91 19.79 -20.42 -6.47
CA ILE B 91 18.96 -21.10 -5.49
C ILE B 91 18.02 -20.09 -4.83
N TRP B 92 16.73 -20.42 -4.79
CA TRP B 92 15.77 -19.69 -3.97
C TRP B 92 15.41 -20.54 -2.75
N ILE B 93 15.46 -19.92 -1.58
CA ILE B 93 15.05 -20.59 -0.35
C ILE B 93 14.41 -19.51 0.51
N ASN B 94 13.50 -19.92 1.39
CA ASN B 94 12.73 -18.95 2.13
C ASN B 94 13.57 -18.25 3.18
N GLY B 95 13.22 -16.98 3.45
CA GLY B 95 14.00 -16.09 4.31
C GLY B 95 14.10 -16.51 5.76
N ASP B 96 13.26 -17.44 6.22
CA ASP B 96 13.39 -17.92 7.58
C ASP B 96 14.32 -19.13 7.70
N LYS B 97 14.90 -19.61 6.60
CA LYS B 97 15.77 -20.77 6.62
C LYS B 97 17.23 -20.33 6.67
N GLY B 98 18.13 -21.30 6.87
CA GLY B 98 19.55 -20.99 6.99
C GLY B 98 20.24 -20.75 5.65
N TYR B 99 19.87 -19.66 4.98
CA TYR B 99 20.33 -19.45 3.62
C TYR B 99 21.80 -19.03 3.58
N ASN B 100 22.31 -18.43 4.64
CA ASN B 100 23.74 -18.11 4.68
C ASN B 100 24.57 -19.38 4.85
N GLY B 101 24.10 -20.33 5.65
CA GLY B 101 24.76 -21.62 5.71
C GLY B 101 24.68 -22.36 4.39
N LEU B 102 23.54 -22.25 3.69
CA LEU B 102 23.40 -22.89 2.39
C LEU B 102 24.38 -22.28 1.39
N ALA B 103 24.56 -20.96 1.45
CA ALA B 103 25.55 -20.31 0.60
C ALA B 103 26.95 -20.84 0.88
N GLU B 104 27.23 -21.22 2.14
CA GLU B 104 28.52 -21.81 2.48
C GLU B 104 28.68 -23.18 1.82
N VAL B 105 27.59 -23.95 1.72
CA VAL B 105 27.68 -25.19 0.96
C VAL B 105 27.93 -24.87 -0.49
N GLY B 106 27.33 -23.76 -0.96
CA GLY B 106 27.62 -23.29 -2.30
C GLY B 106 29.07 -22.95 -2.51
N LYS B 107 29.71 -22.34 -1.50
CA LYS B 107 31.14 -22.05 -1.65
C LYS B 107 31.97 -23.33 -1.67
N LYS B 108 31.53 -24.37 -0.96
CA LYS B 108 32.20 -25.65 -1.07
C LYS B 108 32.08 -26.22 -2.48
N PHE B 109 30.89 -26.12 -3.07
CA PHE B 109 30.70 -26.51 -4.47
C PHE B 109 31.57 -25.69 -5.39
N GLU B 110 31.61 -24.36 -5.16
CA GLU B 110 32.41 -23.50 -6.01
C GLU B 110 33.89 -23.83 -5.90
N LYS B 111 34.38 -24.11 -4.70
CA LYS B 111 35.79 -24.44 -4.57
C LYS B 111 36.13 -25.73 -5.29
N ASP B 112 35.20 -26.68 -5.36
CA ASP B 112 35.49 -27.94 -6.05
C ASP B 112 35.32 -27.83 -7.55
N THR B 113 34.40 -26.99 -8.03
CA THR B 113 33.98 -27.05 -9.41
C THR B 113 34.19 -25.76 -10.17
N GLY B 114 34.52 -24.66 -9.50
CA GLY B 114 34.50 -23.35 -10.13
C GLY B 114 33.13 -22.77 -10.43
N ILE B 115 32.05 -23.47 -10.09
CA ILE B 115 30.70 -23.01 -10.41
C ILE B 115 30.17 -22.19 -9.24
N LYS B 116 29.83 -20.93 -9.51
CA LYS B 116 29.26 -20.06 -8.48
C LYS B 116 27.84 -20.47 -8.12
N VAL B 117 27.54 -20.45 -6.83
CA VAL B 117 26.21 -20.76 -6.31
C VAL B 117 25.69 -19.51 -5.63
N THR B 118 24.66 -18.89 -6.21
CA THR B 118 23.98 -17.76 -5.57
C THR B 118 22.72 -18.26 -4.85
N VAL B 119 22.52 -17.73 -3.64
CA VAL B 119 21.38 -18.07 -2.81
C VAL B 119 20.63 -16.76 -2.55
N GLU B 120 19.33 -16.76 -2.82
CA GLU B 120 18.47 -15.63 -2.54
C GLU B 120 17.22 -16.12 -1.85
N HIS B 121 16.53 -15.20 -1.18
CA HIS B 121 15.23 -15.50 -0.57
C HIS B 121 14.23 -14.47 -1.07
N PRO B 122 13.88 -14.50 -2.36
CA PRO B 122 12.93 -13.50 -2.86
C PRO B 122 11.58 -13.65 -2.18
N ASP B 123 10.93 -12.51 -1.94
CA ASP B 123 9.60 -12.49 -1.36
C ASP B 123 8.64 -13.30 -2.23
N LYS B 124 7.76 -14.04 -1.57
CA LYS B 124 6.75 -14.84 -2.28
C LYS B 124 7.38 -15.73 -3.35
N LEU B 125 8.59 -16.21 -3.09
CA LEU B 125 9.29 -17.03 -4.07
C LEU B 125 8.46 -18.22 -4.52
N GLU B 126 7.64 -18.77 -3.62
CA GLU B 126 6.81 -19.91 -4.00
C GLU B 126 5.64 -19.51 -4.89
N GLU B 127 5.31 -18.20 -4.96
CA GLU B 127 4.36 -17.72 -5.96
C GLU B 127 5.06 -17.26 -7.22
N LYS B 128 6.25 -16.69 -7.09
CA LYS B 128 7.01 -16.26 -8.26
C LYS B 128 7.47 -17.46 -9.09
N PHE B 129 7.85 -18.56 -8.43
CA PHE B 129 8.37 -19.71 -9.17
C PHE B 129 7.41 -20.22 -10.24
N PRO B 130 6.17 -20.62 -9.92
CA PRO B 130 5.28 -21.12 -10.98
C PRO B 130 4.97 -20.08 -12.05
N GLN B 131 4.99 -18.80 -11.68
CA GLN B 131 4.73 -17.75 -12.65
C GLN B 131 5.88 -17.59 -13.64
N VAL B 132 7.13 -17.77 -13.23
CA VAL B 132 8.32 -17.55 -14.07
C VAL B 132 9.14 -18.75 -14.57
N ALA B 133 9.04 -19.89 -13.92
CA ALA B 133 9.75 -21.10 -14.30
C ALA B 133 9.22 -21.61 -15.65
N ALA B 134 7.94 -21.43 -15.86
CA ALA B 134 7.21 -21.70 -17.04
C ALA B 134 7.60 -20.93 -18.27
N THR B 135 8.40 -19.85 -18.20
CA THR B 135 8.88 -19.03 -19.27
C THR B 135 10.39 -19.06 -19.35
N GLY B 136 10.98 -19.98 -18.60
CA GLY B 136 12.41 -20.20 -18.59
C GLY B 136 13.18 -19.39 -17.58
N ASP B 137 12.51 -18.80 -16.60
CA ASP B 137 13.17 -18.02 -15.57
C ASP B 137 13.14 -18.79 -14.24
N GLY B 138 13.33 -18.07 -13.14
CA GLY B 138 13.36 -18.68 -11.84
C GLY B 138 14.75 -19.17 -11.51
N PRO B 139 14.89 -19.84 -10.38
CA PRO B 139 16.20 -20.38 -10.00
C PRO B 139 16.40 -21.73 -10.68
N ASP B 140 17.63 -22.25 -10.59
CA ASP B 140 17.87 -23.66 -10.93
C ASP B 140 17.26 -24.57 -9.89
N ILE B 141 17.29 -24.14 -8.63
CA ILE B 141 16.87 -24.94 -7.49
C ILE B 141 15.94 -24.10 -6.64
N ILE B 142 14.78 -24.64 -6.30
CA ILE B 142 13.85 -23.98 -5.40
C ILE B 142 13.67 -24.86 -4.17
N PHE B 143 13.79 -24.24 -2.99
CA PHE B 143 13.48 -24.86 -1.71
C PHE B 143 12.14 -24.36 -1.20
N TRP B 144 11.27 -25.30 -0.82
CA TRP B 144 10.05 -25.00 -0.09
C TRP B 144 9.61 -26.30 0.58
N ALA B 145 8.67 -26.18 1.51
CA ALA B 145 8.07 -27.40 2.02
C ALA B 145 7.36 -28.12 0.89
N HIS B 146 7.24 -29.44 1.01
CA HIS B 146 6.83 -30.28 -0.11
C HIS B 146 5.41 -29.98 -0.60
N ASP B 147 4.58 -29.28 0.17
CA ASP B 147 3.17 -29.09 -0.23
C ASP B 147 3.05 -28.29 -1.52
N ARG B 148 4.01 -27.43 -1.83
CA ARG B 148 3.94 -26.65 -3.05
C ARG B 148 4.30 -27.43 -4.31
N PHE B 149 4.94 -28.59 -4.19
CA PHE B 149 5.70 -29.13 -5.32
C PHE B 149 4.82 -29.87 -6.31
N GLY B 150 3.72 -30.47 -5.86
CA GLY B 150 2.83 -31.16 -6.78
C GLY B 150 2.17 -30.22 -7.77
N GLY B 151 1.80 -29.02 -7.31
CA GLY B 151 1.34 -28.00 -8.25
C GLY B 151 2.39 -27.63 -9.28
N TYR B 152 3.64 -27.46 -8.83
CA TYR B 152 4.71 -27.21 -9.79
C TYR B 152 4.84 -28.37 -10.76
N ALA B 153 4.87 -29.61 -10.24
CA ALA B 153 5.02 -30.79 -11.08
C ALA B 153 3.88 -30.90 -12.09
N GLN B 154 2.64 -30.70 -11.62
CA GLN B 154 1.50 -30.75 -12.54
C GLN B 154 1.68 -29.81 -13.71
N SER B 155 2.26 -28.64 -13.46
CA SER B 155 2.50 -27.69 -14.54
C SER B 155 3.75 -28.00 -15.34
N GLY B 156 4.45 -29.09 -15.03
CA GLY B 156 5.67 -29.42 -15.74
C GLY B 156 6.83 -28.48 -15.46
N LEU B 157 6.89 -27.91 -14.26
CA LEU B 157 7.92 -26.94 -13.94
C LEU B 157 9.15 -27.58 -13.33
N LEU B 158 9.10 -28.87 -13.00
CA LEU B 158 10.15 -29.53 -12.22
C LEU B 158 10.78 -30.65 -13.03
N ALA B 159 12.09 -30.75 -12.96
CA ALA B 159 12.76 -31.92 -13.50
C ALA B 159 12.49 -33.14 -12.62
N GLU B 160 12.22 -34.28 -13.24
CA GLU B 160 12.19 -35.51 -12.46
C GLU B 160 13.58 -35.79 -11.90
N ILE B 161 13.63 -36.20 -10.63
CA ILE B 161 14.90 -36.52 -10.00
C ILE B 161 15.01 -38.04 -9.85
N THR B 162 16.20 -38.55 -10.10
CA THR B 162 16.46 -39.99 -10.11
C THR B 162 17.77 -40.28 -9.41
N PRO B 163 17.84 -40.07 -8.10
CA PRO B 163 18.99 -40.57 -7.35
C PRO B 163 19.01 -42.09 -7.43
N ASP B 164 20.19 -42.68 -7.30
CA ASP B 164 20.23 -44.12 -7.39
C ASP B 164 19.80 -44.74 -6.07
N LYS B 165 19.72 -46.07 -6.07
CA LYS B 165 19.16 -46.80 -4.93
C LYS B 165 19.96 -46.54 -3.66
N ALA B 166 21.29 -46.59 -3.74
CA ALA B 166 22.13 -46.34 -2.57
C ALA B 166 21.92 -44.94 -1.99
N PHE B 167 21.71 -43.94 -2.86
CA PHE B 167 21.43 -42.61 -2.34
C PHE B 167 20.06 -42.57 -1.67
N GLN B 168 19.06 -43.21 -2.28
CA GLN B 168 17.73 -43.22 -1.69
C GLN B 168 17.75 -43.82 -0.28
N ASP B 169 18.54 -44.88 -0.07
CA ASP B 169 18.62 -45.51 1.26
C ASP B 169 19.24 -44.61 2.32
N LYS B 170 19.89 -43.51 1.94
CA LYS B 170 20.42 -42.61 2.96
C LYS B 170 19.35 -41.75 3.61
N LEU B 171 18.16 -41.69 3.03
CA LEU B 171 17.10 -40.84 3.53
C LEU B 171 15.93 -41.71 3.98
N TYR B 172 15.19 -41.22 4.98
CA TYR B 172 14.08 -42.00 5.50
C TYR B 172 13.03 -42.18 4.41
N PRO B 173 12.48 -43.38 4.26
CA PRO B 173 11.51 -43.62 3.18
C PRO B 173 10.34 -42.66 3.18
N PHE B 174 9.83 -42.24 4.34
CA PHE B 174 8.64 -41.40 4.30
C PHE B 174 8.98 -40.01 3.76
N THR B 175 10.23 -39.57 3.90
CA THR B 175 10.58 -38.29 3.30
C THR B 175 10.58 -38.38 1.78
N TRP B 176 10.93 -39.54 1.20
CA TRP B 176 10.79 -39.71 -0.25
C TRP B 176 9.33 -39.68 -0.68
N ASP B 177 8.44 -40.28 0.11
CA ASP B 177 7.02 -40.29 -0.20
C ASP B 177 6.45 -38.88 -0.28
N ALA B 178 6.95 -37.96 0.54
CA ALA B 178 6.43 -36.60 0.50
C ALA B 178 6.77 -35.86 -0.80
N VAL B 179 7.81 -36.31 -1.52
CA VAL B 179 8.22 -35.64 -2.76
C VAL B 179 7.91 -36.53 -3.98
N ARG B 180 7.02 -37.49 -3.80
CA ARG B 180 6.57 -38.38 -4.87
C ARG B 180 5.24 -37.84 -5.39
N TYR B 181 5.20 -37.57 -6.69
CA TYR B 181 3.98 -37.07 -7.32
C TYR B 181 3.75 -37.85 -8.61
N ASN B 182 2.62 -38.54 -8.69
CA ASN B 182 2.25 -39.23 -9.92
C ASN B 182 3.36 -40.21 -10.34
N GLY B 183 3.87 -40.97 -9.36
CA GLY B 183 4.89 -41.96 -9.61
C GLY B 183 6.28 -41.43 -9.92
N LYS B 184 6.55 -40.15 -9.69
CA LYS B 184 7.89 -39.59 -9.92
C LYS B 184 8.38 -38.87 -8.68
N LEU B 185 9.66 -39.04 -8.37
CA LEU B 185 10.30 -38.15 -7.41
C LEU B 185 10.53 -36.81 -8.07
N ILE B 186 10.07 -35.74 -7.41
CA ILE B 186 10.10 -34.41 -7.99
C ILE B 186 10.93 -33.44 -7.18
N ALA B 187 11.47 -33.88 -6.04
CA ALA B 187 12.38 -33.07 -5.26
C ALA B 187 13.17 -33.96 -4.31
N TYR B 188 14.25 -33.44 -3.80
CA TYR B 188 15.04 -34.05 -2.76
C TYR B 188 14.55 -33.61 -1.40
N PRO B 189 14.17 -34.54 -0.53
CA PRO B 189 13.84 -34.15 0.86
C PRO B 189 15.08 -33.71 1.61
N ILE B 190 14.92 -32.66 2.41
CA ILE B 190 15.99 -32.08 3.22
C ILE B 190 15.72 -32.24 4.71
N ALA B 191 14.57 -31.75 5.18
CA ALA B 191 14.31 -31.75 6.61
C ALA B 191 12.81 -31.88 6.85
N VAL B 192 12.45 -32.44 8.00
CA VAL B 192 11.06 -32.68 8.36
C VAL B 192 10.70 -31.66 9.43
N GLU B 193 9.72 -30.81 9.14
CA GLU B 193 9.35 -29.69 10.01
C GLU B 193 7.97 -29.92 10.63
N ALA B 194 7.88 -29.69 11.95
CA ALA B 194 6.62 -29.66 12.66
C ALA B 194 6.68 -28.58 13.72
N LEU B 195 5.57 -27.85 13.90
CA LEU B 195 5.50 -26.85 14.94
C LEU B 195 5.51 -27.52 16.32
N SER B 196 6.06 -26.81 17.30
CA SER B 196 6.06 -27.26 18.68
C SER B 196 5.69 -26.10 19.59
N LEU B 197 5.37 -26.43 20.83
CA LEU B 197 5.17 -25.41 21.85
C LEU B 197 6.53 -25.06 22.43
N ILE B 198 6.84 -23.78 22.44
CA ILE B 198 8.09 -23.27 23.01
C ILE B 198 7.71 -22.42 24.22
N TYR B 199 8.31 -22.70 25.36
CA TYR B 199 7.87 -22.03 26.57
C TYR B 199 9.07 -21.55 27.37
N ASN B 200 8.87 -20.43 28.07
CA ASN B 200 9.88 -19.84 28.92
C ASN B 200 9.85 -20.54 30.27
N LYS B 201 10.88 -21.33 30.57
CA LYS B 201 10.89 -22.12 31.80
C LYS B 201 10.90 -21.26 33.06
N ASP B 202 11.34 -20.00 33.00
CA ASP B 202 11.37 -19.18 34.21
C ASP B 202 10.08 -18.40 34.44
N LEU B 203 9.22 -18.27 33.44
CA LEU B 203 7.88 -17.79 33.65
C LEU B 203 6.88 -18.91 33.86
N LEU B 204 7.24 -20.12 33.52
CA LEU B 204 6.29 -21.21 33.41
C LEU B 204 7.05 -22.52 33.38
N PRO B 205 7.50 -23.01 34.54
CA PRO B 205 8.26 -24.27 34.55
C PRO B 205 7.43 -25.47 34.14
N ASN B 206 6.11 -25.42 34.27
CA ASN B 206 5.22 -26.51 33.83
C ASN B 206 4.24 -25.95 32.81
N PRO B 207 4.50 -26.11 31.52
CA PRO B 207 3.62 -25.50 30.52
C PRO B 207 2.28 -26.21 30.49
N PRO B 208 1.22 -25.52 30.07
CA PRO B 208 -0.10 -26.16 30.04
C PRO B 208 -0.10 -27.34 29.08
N LYS B 209 -0.87 -28.36 29.44
CA LYS B 209 -1.10 -29.51 28.58
C LYS B 209 -2.28 -29.30 27.63
N THR B 210 -3.13 -28.31 27.89
CA THR B 210 -4.34 -28.12 27.11
C THR B 210 -4.49 -26.65 26.76
N TRP B 211 -5.08 -26.40 25.59
CA TRP B 211 -5.36 -25.03 25.20
C TRP B 211 -6.28 -24.34 26.18
N GLU B 212 -7.16 -25.12 26.83
CA GLU B 212 -8.18 -24.54 27.70
C GLU B 212 -7.58 -23.91 28.96
N GLU B 213 -6.39 -24.36 29.38
CA GLU B 213 -5.68 -23.75 30.50
C GLU B 213 -5.20 -22.34 30.21
N ILE B 214 -5.09 -21.98 28.94
CA ILE B 214 -4.35 -20.79 28.54
C ILE B 214 -5.03 -19.48 28.95
N PRO B 215 -6.35 -19.34 28.85
CA PRO B 215 -6.97 -18.08 29.36
C PRO B 215 -6.67 -17.82 30.83
N ALA B 216 -6.84 -18.82 31.70
CA ALA B 216 -6.56 -18.61 33.11
C ALA B 216 -5.07 -18.34 33.32
N LEU B 217 -4.22 -19.06 32.58
CA LEU B 217 -2.79 -18.78 32.64
C LEU B 217 -2.49 -17.35 32.22
N ASP B 218 -3.19 -16.86 31.19
CA ASP B 218 -2.93 -15.51 30.71
C ASP B 218 -3.38 -14.46 31.73
N LYS B 219 -4.52 -14.70 32.39
CA LYS B 219 -4.96 -13.79 33.43
C LYS B 219 -3.91 -13.69 34.53
N GLU B 220 -3.40 -14.84 34.97
CA GLU B 220 -2.36 -14.86 36.00
C GLU B 220 -1.10 -14.12 35.54
N LEU B 221 -0.70 -14.30 34.28
CA LEU B 221 0.50 -13.64 33.80
C LEU B 221 0.28 -12.17 33.53
N LYS B 222 -0.91 -11.78 33.05
CA LYS B 222 -1.18 -10.37 32.80
C LYS B 222 -0.97 -9.53 34.05
N ALA B 223 -1.17 -10.13 35.23
CA ALA B 223 -1.03 -9.39 36.48
C ALA B 223 0.43 -9.11 36.80
N LYS B 224 1.34 -9.98 36.38
CA LYS B 224 2.77 -9.72 36.49
C LYS B 224 3.30 -8.97 35.27
N GLY B 225 2.40 -8.39 34.46
CA GLY B 225 2.80 -7.66 33.27
C GLY B 225 3.12 -8.51 32.07
N LYS B 226 3.00 -9.82 32.17
CA LYS B 226 3.37 -10.75 31.11
C LYS B 226 2.15 -11.16 30.29
N SER B 227 2.41 -11.94 29.24
CA SER B 227 1.40 -12.56 28.40
C SER B 227 1.60 -14.07 28.45
N ALA B 228 0.56 -14.84 28.17
CA ALA B 228 0.73 -16.30 28.16
C ALA B 228 1.25 -16.82 26.84
N LEU B 229 0.70 -16.36 25.73
CA LEU B 229 1.00 -16.99 24.44
C LEU B 229 0.87 -15.98 23.33
N MET B 230 1.90 -15.92 22.49
CA MET B 230 1.85 -15.15 21.26
C MET B 230 2.46 -16.01 20.17
N PHE B 231 1.81 -16.02 19.01
CA PHE B 231 2.36 -16.70 17.85
C PHE B 231 1.77 -16.05 16.60
N ASN B 232 2.36 -16.37 15.45
CA ASN B 232 1.96 -15.74 14.20
C ASN B 232 0.52 -16.13 13.86
N LEU B 233 -0.41 -15.20 14.08
CA LEU B 233 -1.81 -15.43 13.75
C LEU B 233 -2.12 -15.14 12.28
N GLN B 234 -1.15 -14.62 11.52
CA GLN B 234 -1.37 -14.23 10.13
C GLN B 234 -1.19 -15.36 9.14
N GLU B 235 -0.50 -16.44 9.50
CA GLU B 235 -0.30 -17.54 8.57
C GLU B 235 -1.04 -18.78 9.05
N PRO B 236 -1.88 -19.37 8.22
CA PRO B 236 -2.69 -20.51 8.68
C PRO B 236 -1.87 -21.71 9.10
N TYR B 237 -0.59 -21.78 8.70
CA TYR B 237 0.29 -22.83 9.19
C TYR B 237 0.26 -22.91 10.71
N PHE B 238 0.20 -21.77 11.38
CA PHE B 238 0.36 -21.74 12.84
C PHE B 238 -0.95 -21.99 13.56
N THR B 239 -2.08 -21.67 12.94
CA THR B 239 -3.38 -21.85 13.57
C THR B 239 -4.01 -23.19 13.20
N TRP B 240 -3.69 -23.73 12.03
CA TRP B 240 -4.16 -25.07 11.64
C TRP B 240 -4.04 -26.14 12.72
N PRO B 241 -2.91 -26.28 13.46
CA PRO B 241 -2.85 -27.37 14.47
C PRO B 241 -4.04 -27.36 15.42
N LEU B 242 -4.47 -26.16 15.82
CA LEU B 242 -5.64 -26.02 16.67
C LEU B 242 -6.92 -26.35 15.89
N ILE B 243 -7.00 -25.90 14.62
CA ILE B 243 -8.23 -26.07 13.86
C ILE B 243 -8.45 -27.54 13.52
N ALA B 244 -7.37 -28.25 13.20
CA ALA B 244 -7.43 -29.66 12.90
C ALA B 244 -7.63 -30.53 14.14
N ALA B 245 -7.30 -30.01 15.32
CA ALA B 245 -7.17 -30.86 16.50
C ALA B 245 -8.46 -31.64 16.77
N ASP B 246 -9.60 -30.99 16.69
CA ASP B 246 -10.87 -31.63 16.98
C ASP B 246 -11.62 -32.05 15.73
N GLY B 247 -10.93 -32.19 14.59
CA GLY B 247 -11.57 -32.76 13.43
C GLY B 247 -11.39 -32.05 12.10
N GLY B 248 -10.77 -30.88 12.09
CA GLY B 248 -10.53 -30.21 10.82
C GLY B 248 -9.59 -31.01 9.94
N TYR B 249 -9.77 -30.88 8.62
CA TYR B 249 -8.82 -31.51 7.71
C TYR B 249 -8.82 -30.76 6.39
N ALA B 250 -7.80 -31.03 5.58
CA ALA B 250 -7.69 -30.38 4.28
C ALA B 250 -8.51 -31.13 3.25
N PHE B 251 -8.02 -32.27 2.77
CA PHE B 251 -8.71 -33.09 1.80
C PHE B 251 -8.73 -34.53 2.28
N LYS B 252 -9.88 -35.18 2.16
CA LYS B 252 -10.03 -36.54 2.65
C LYS B 252 -9.12 -37.49 1.86
N TYR B 253 -8.41 -38.31 2.58
CA TYR B 253 -7.50 -39.24 2.00
C TYR B 253 -7.98 -40.62 2.22
N GLU B 254 -8.46 -41.27 1.19
CA GLU B 254 -8.98 -42.62 1.28
C GLU B 254 -8.27 -43.52 0.29
N ASN B 255 -8.04 -44.78 0.68
CA ASN B 255 -7.31 -45.76 -0.11
C ASN B 255 -6.03 -45.06 -0.47
N GLY B 256 -5.84 -44.74 -1.75
CA GLY B 256 -4.63 -44.04 -2.10
C GLY B 256 -4.71 -42.57 -2.46
N LYS B 257 -5.89 -42.06 -2.75
CA LYS B 257 -6.05 -40.70 -3.19
C LYS B 257 -6.58 -39.69 -2.23
N TYR B 258 -6.55 -38.45 -2.67
CA TYR B 258 -7.10 -37.35 -1.97
C TYR B 258 -8.33 -36.95 -2.76
N ASP B 259 -9.43 -36.76 -2.09
CA ASP B 259 -10.65 -36.31 -2.73
C ASP B 259 -10.71 -34.79 -2.66
N ILE B 260 -10.60 -34.15 -3.83
CA ILE B 260 -10.61 -32.69 -3.90
C ILE B 260 -11.98 -32.12 -3.57
N LYS B 261 -13.04 -32.91 -3.79
CA LYS B 261 -14.38 -32.42 -3.48
C LYS B 261 -14.64 -32.39 -1.98
N ASP B 262 -14.00 -33.29 -1.22
CA ASP B 262 -14.21 -33.40 0.22
C ASP B 262 -13.18 -32.57 0.96
N VAL B 263 -13.56 -31.34 1.30
CA VAL B 263 -12.73 -30.44 2.09
C VAL B 263 -13.28 -30.40 3.50
N GLY B 264 -12.38 -30.40 4.49
CA GLY B 264 -12.84 -30.44 5.87
C GLY B 264 -12.52 -29.21 6.68
N VAL B 265 -12.54 -28.03 6.05
CA VAL B 265 -12.27 -26.80 6.79
C VAL B 265 -13.54 -26.21 7.40
N ASP B 266 -14.70 -26.79 7.13
CA ASP B 266 -15.95 -26.25 7.65
C ASP B 266 -16.73 -27.31 8.42
N ASN B 267 -16.05 -28.26 9.03
CA ASN B 267 -16.79 -29.23 9.83
C ASN B 267 -16.83 -28.77 11.28
N ALA B 268 -17.45 -29.60 12.14
CA ALA B 268 -17.66 -29.21 13.53
C ALA B 268 -16.33 -28.99 14.25
N GLY B 269 -15.35 -29.85 13.96
CA GLY B 269 -14.07 -29.73 14.64
C GLY B 269 -13.30 -28.50 14.20
N ALA B 270 -13.36 -28.18 12.90
CA ALA B 270 -12.77 -26.94 12.41
C ALA B 270 -13.43 -25.73 13.05
N LYS B 271 -14.77 -25.70 13.07
CA LYS B 271 -15.47 -24.58 13.69
C LYS B 271 -15.09 -24.45 15.16
N ALA B 272 -15.03 -25.58 15.87
CA ALA B 272 -14.68 -25.55 17.28
C ALA B 272 -13.30 -24.93 17.48
N GLY B 273 -12.31 -25.36 16.70
CA GLY B 273 -10.95 -24.86 16.87
C GLY B 273 -10.85 -23.37 16.61
N LEU B 274 -11.36 -22.92 15.47
CA LEU B 274 -11.27 -21.50 15.15
C LEU B 274 -12.04 -20.65 16.15
N THR B 275 -13.14 -21.17 16.69
CA THR B 275 -13.93 -20.40 17.65
C THR B 275 -13.14 -20.18 18.93
N PHE B 276 -12.50 -21.22 19.44
CA PHE B 276 -11.61 -21.04 20.58
C PHE B 276 -10.55 -19.99 20.28
N LEU B 277 -10.03 -19.95 19.06
CA LEU B 277 -9.02 -18.96 18.75
C LEU B 277 -9.60 -17.55 18.75
N VAL B 278 -10.77 -17.32 18.13
CA VAL B 278 -11.30 -15.97 18.18
C VAL B 278 -11.78 -15.64 19.59
N ASP B 279 -12.13 -16.66 20.38
CA ASP B 279 -12.50 -16.42 21.78
C ASP B 279 -11.31 -16.01 22.63
N LEU B 280 -10.12 -16.50 22.30
CA LEU B 280 -8.91 -15.97 22.93
C LEU B 280 -8.69 -14.51 22.54
N ILE B 281 -9.08 -14.15 21.32
CA ILE B 281 -8.90 -12.76 20.89
C ILE B 281 -9.98 -11.88 21.49
N LYS B 282 -11.23 -12.38 21.52
CA LYS B 282 -12.33 -11.64 22.15
C LYS B 282 -11.99 -11.24 23.59
N ASN B 283 -11.49 -12.19 24.36
CA ASN B 283 -11.15 -11.97 25.75
C ASN B 283 -9.77 -11.37 25.94
N LYS B 284 -9.16 -10.88 24.87
CA LYS B 284 -7.91 -10.11 24.94
C LYS B 284 -6.75 -10.96 25.49
N HIS B 285 -6.81 -12.28 25.28
CA HIS B 285 -5.65 -13.10 25.57
C HIS B 285 -4.63 -13.06 24.44
N MET B 286 -5.09 -12.78 23.22
CA MET B 286 -4.21 -12.57 22.07
C MET B 286 -4.73 -11.40 21.25
N ASN B 287 -3.90 -10.92 20.36
CA ASN B 287 -4.20 -9.82 19.45
C ASN B 287 -4.26 -10.33 18.03
N ALA B 288 -5.37 -10.05 17.34
CA ALA B 288 -5.52 -10.50 15.94
C ALA B 288 -4.45 -9.96 15.03
N ASP B 289 -3.68 -8.97 15.45
CA ASP B 289 -2.64 -8.36 14.64
C ASP B 289 -1.26 -8.98 14.85
N THR B 290 -1.11 -9.87 15.83
CA THR B 290 0.19 -10.48 16.07
C THR B 290 0.67 -11.22 14.83
N ASP B 291 1.86 -10.89 14.36
CA ASP B 291 2.47 -11.62 13.27
C ASP B 291 3.72 -12.34 13.77
N TYR B 292 4.53 -12.84 12.84
CA TYR B 292 5.68 -13.65 13.23
C TYR B 292 6.67 -12.83 14.05
N SER B 293 7.00 -11.62 13.58
CA SER B 293 8.08 -10.86 14.20
C SER B 293 7.68 -10.32 15.58
N ILE B 294 6.45 -9.82 15.72
CA ILE B 294 5.97 -9.41 17.04
C ILE B 294 6.03 -10.58 18.01
N ALA B 295 5.49 -11.73 17.61
CA ALA B 295 5.50 -12.89 18.51
C ALA B 295 6.91 -13.26 18.88
N GLU B 296 7.80 -13.35 17.88
CA GLU B 296 9.17 -13.73 18.16
C GLU B 296 9.83 -12.73 19.10
N ALA B 297 9.66 -11.44 18.82
CA ALA B 297 10.27 -10.43 19.68
C ALA B 297 9.73 -10.53 21.10
N ALA B 298 8.44 -10.84 21.26
CA ALA B 298 7.88 -10.88 22.60
C ALA B 298 8.42 -12.09 23.37
N PHE B 299 8.49 -13.26 22.74
CA PHE B 299 9.01 -14.41 23.47
C PHE B 299 10.49 -14.24 23.78
N ASN B 300 11.27 -13.81 22.80
CA ASN B 300 12.72 -13.70 22.96
C ASN B 300 13.10 -12.61 23.96
N LYS B 301 12.20 -11.68 24.27
CA LYS B 301 12.44 -10.68 25.29
C LYS B 301 11.78 -11.03 26.62
N GLY B 302 11.21 -12.23 26.72
CA GLY B 302 10.59 -12.64 27.97
C GLY B 302 9.32 -11.91 28.32
N GLU B 303 8.58 -11.42 27.32
CA GLU B 303 7.30 -10.76 27.62
C GLU B 303 6.12 -11.72 27.58
N THR B 304 6.27 -12.87 26.93
CA THR B 304 5.22 -13.87 26.84
C THR B 304 5.79 -15.22 27.23
N ALA B 305 4.98 -16.02 27.93
CA ALA B 305 5.51 -17.28 28.46
C ALA B 305 5.70 -18.33 27.38
N MET B 306 4.95 -18.24 26.27
CA MET B 306 4.94 -19.29 25.28
C MET B 306 4.80 -18.70 23.89
N THR B 307 5.33 -19.44 22.91
CA THR B 307 5.07 -19.20 21.51
C THR B 307 4.91 -20.54 20.82
N ILE B 308 4.53 -20.51 19.54
CA ILE B 308 4.39 -21.71 18.73
C ILE B 308 5.21 -21.48 17.47
N ASN B 309 6.22 -22.32 17.25
CA ASN B 309 7.14 -22.04 16.16
C ASN B 309 7.89 -23.30 15.75
N GLY B 310 8.65 -23.16 14.67
CA GLY B 310 9.42 -24.24 14.11
C GLY B 310 10.88 -24.20 14.51
N PRO B 311 11.64 -25.24 14.11
CA PRO B 311 13.05 -25.31 14.51
C PRO B 311 13.89 -24.16 14.00
N TRP B 312 13.54 -23.59 12.85
CA TRP B 312 14.20 -22.43 12.25
C TRP B 312 14.26 -21.23 13.20
N ALA B 313 13.49 -21.26 14.29
CA ALA B 313 13.47 -20.17 15.27
C ALA B 313 14.33 -20.42 16.51
N TRP B 314 14.86 -21.63 16.70
CA TRP B 314 15.46 -21.96 18.00
C TRP B 314 16.74 -21.19 18.24
N SER B 315 17.56 -21.00 17.21
CA SER B 315 18.86 -20.38 17.49
C SER B 315 18.70 -18.90 17.86
N ASN B 316 17.69 -18.21 17.30
CA ASN B 316 17.40 -16.86 17.80
C ASN B 316 17.10 -16.90 19.29
N ILE B 317 16.40 -17.94 19.76
CA ILE B 317 16.09 -18.01 21.18
C ILE B 317 17.33 -18.33 22.00
N ASP B 318 18.23 -19.18 21.48
CA ASP B 318 19.49 -19.42 22.20
C ASP B 318 20.24 -18.13 22.42
N THR B 319 20.32 -17.30 21.38
CA THR B 319 20.96 -16.00 21.47
C THR B 319 20.27 -15.09 22.48
N SER B 320 18.94 -15.17 22.57
CA SER B 320 18.21 -14.33 23.52
C SER B 320 18.48 -14.74 24.95
N LYS B 321 19.02 -15.96 25.16
CA LYS B 321 19.32 -16.50 26.49
C LYS B 321 18.07 -16.73 27.33
N VAL B 322 16.89 -16.77 26.71
CA VAL B 322 15.71 -17.22 27.45
C VAL B 322 15.88 -18.70 27.77
N ASN B 323 15.61 -19.07 29.02
CA ASN B 323 15.66 -20.48 29.40
C ASN B 323 14.38 -21.10 28.86
N TYR B 324 14.45 -21.62 27.64
CA TYR B 324 13.26 -22.13 26.96
C TYR B 324 13.27 -23.65 26.89
N GLY B 325 12.06 -24.20 26.79
CA GLY B 325 11.85 -25.59 26.48
C GLY B 325 11.00 -25.74 25.23
N VAL B 326 11.09 -26.90 24.59
CA VAL B 326 10.32 -27.22 23.40
C VAL B 326 9.53 -28.48 23.72
N THR B 327 8.22 -28.45 23.52
CA THR B 327 7.45 -29.61 23.93
C THR B 327 6.22 -29.79 23.05
N VAL B 328 5.45 -30.83 23.37
CA VAL B 328 4.26 -31.17 22.61
C VAL B 328 3.25 -30.05 22.73
N LEU B 329 2.57 -29.76 21.62
CA LEU B 329 1.50 -28.77 21.61
C LEU B 329 0.41 -29.15 22.60
N PRO B 330 -0.32 -28.16 23.14
CA PRO B 330 -1.45 -28.49 24.03
C PRO B 330 -2.55 -29.22 23.29
N THR B 331 -3.26 -30.07 24.01
CA THR B 331 -4.45 -30.69 23.45
C THR B 331 -5.60 -29.69 23.39
N PHE B 332 -6.64 -30.08 22.66
CA PHE B 332 -7.86 -29.28 22.53
C PHE B 332 -9.03 -30.24 22.52
N LYS B 333 -9.99 -30.01 23.41
CA LYS B 333 -11.11 -30.95 23.61
C LYS B 333 -10.58 -32.38 23.76
N GLY B 334 -9.43 -32.52 24.43
CA GLY B 334 -8.81 -33.81 24.67
C GLY B 334 -7.97 -34.36 23.53
N GLN B 335 -7.99 -33.74 22.35
CA GLN B 335 -7.34 -34.25 21.13
C GLN B 335 -5.98 -33.62 20.94
N PRO B 336 -4.95 -34.33 20.46
CA PRO B 336 -3.67 -33.65 20.20
C PRO B 336 -3.84 -32.60 19.11
N SER B 337 -3.15 -31.48 19.29
CA SER B 337 -3.00 -30.55 18.17
C SER B 337 -2.32 -31.28 17.03
N LYS B 338 -2.76 -30.99 15.80
CA LYS B 338 -2.39 -31.77 14.61
C LYS B 338 -1.67 -30.85 13.64
N PRO B 339 -0.38 -30.63 13.82
CA PRO B 339 0.32 -29.71 12.93
C PRO B 339 0.49 -30.36 11.57
N PHE B 340 0.41 -29.55 10.53
CA PHE B 340 0.76 -29.98 9.19
C PHE B 340 2.27 -30.09 9.09
N VAL B 341 2.75 -31.27 8.71
CA VAL B 341 4.17 -31.57 8.71
C VAL B 341 4.72 -31.25 7.32
N GLY B 342 5.75 -30.43 7.28
CA GLY B 342 6.37 -30.03 6.03
C GLY B 342 7.72 -30.71 5.89
N VAL B 343 7.98 -31.24 4.71
CA VAL B 343 9.30 -31.76 4.37
C VAL B 343 9.94 -30.68 3.53
N LEU B 344 10.86 -29.92 4.12
CA LEU B 344 11.60 -28.94 3.35
C LEU B 344 12.31 -29.67 2.22
N SER B 345 12.12 -29.20 0.99
CA SER B 345 12.45 -29.97 -0.19
C SER B 345 13.15 -29.08 -1.20
N ALA B 346 13.96 -29.70 -2.06
CA ALA B 346 14.69 -28.97 -3.10
C ALA B 346 14.36 -29.58 -4.46
N GLY B 347 13.66 -28.81 -5.29
CA GLY B 347 13.36 -29.22 -6.64
C GLY B 347 14.26 -28.54 -7.65
N ILE B 348 14.43 -29.19 -8.80
CA ILE B 348 15.23 -28.64 -9.90
C ILE B 348 14.29 -28.12 -10.99
N ASN B 349 14.49 -26.86 -11.35
CA ASN B 349 13.70 -26.21 -12.39
C ASN B 349 13.82 -26.97 -13.70
N ALA B 350 12.67 -27.33 -14.29
CA ALA B 350 12.67 -28.03 -15.58
C ALA B 350 13.33 -27.19 -16.66
N ALA B 351 13.35 -25.88 -16.50
CA ALA B 351 14.02 -24.99 -17.43
C ALA B 351 15.47 -24.71 -17.04
N SER B 352 15.99 -25.33 -15.99
CA SER B 352 17.38 -25.08 -15.62
C SER B 352 18.32 -25.66 -16.67
N PRO B 353 19.35 -24.91 -17.10
CA PRO B 353 20.36 -25.49 -17.99
C PRO B 353 21.53 -26.02 -17.20
N ASN B 354 21.34 -26.27 -15.90
CA ASN B 354 22.39 -26.75 -15.00
C ASN B 354 21.92 -27.96 -14.22
N LYS B 355 21.15 -28.84 -14.88
CA LYS B 355 20.45 -29.89 -14.18
C LYS B 355 21.42 -30.89 -13.56
N GLU B 356 22.51 -31.23 -14.26
CA GLU B 356 23.48 -32.15 -13.69
C GLU B 356 24.27 -31.49 -12.56
N LEU B 357 24.62 -30.20 -12.71
CA LEU B 357 25.25 -29.49 -11.59
C LEU B 357 24.33 -29.44 -10.38
N ALA B 358 23.05 -29.09 -10.59
CA ALA B 358 22.09 -29.05 -9.50
C ALA B 358 22.03 -30.38 -8.75
N LYS B 359 21.87 -31.48 -9.50
CA LYS B 359 21.86 -32.81 -8.90
C LYS B 359 23.13 -33.08 -8.13
N GLU B 360 24.27 -32.77 -8.73
CA GLU B 360 25.55 -32.98 -8.06
C GLU B 360 25.62 -32.17 -6.77
N PHE B 361 25.19 -30.90 -6.81
CA PHE B 361 25.23 -30.05 -5.62
C PHE B 361 24.33 -30.60 -4.53
N LEU B 362 23.10 -30.98 -4.88
CA LEU B 362 22.16 -31.50 -3.90
C LEU B 362 22.61 -32.85 -3.34
N GLU B 363 23.05 -33.77 -4.21
CA GLU B 363 23.35 -35.12 -3.72
C GLU B 363 24.68 -35.17 -2.97
N ASN B 364 25.71 -34.52 -3.50
CA ASN B 364 27.06 -34.74 -3.01
C ASN B 364 27.59 -33.60 -2.16
N TYR B 365 26.83 -32.53 -2.00
CA TYR B 365 27.23 -31.41 -1.14
C TYR B 365 26.17 -31.13 -0.09
N LEU B 366 24.92 -30.86 -0.51
CA LEU B 366 23.92 -30.48 0.45
C LEU B 366 23.52 -31.67 1.32
N LEU B 367 23.09 -32.78 0.69
CA LEU B 367 22.56 -33.92 1.45
C LEU B 367 23.69 -34.81 1.99
N THR B 368 24.55 -34.17 2.78
CA THR B 368 25.62 -34.83 3.52
C THR B 368 25.57 -34.30 4.94
N ASP B 369 26.23 -35.02 5.86
CA ASP B 369 26.30 -34.57 7.23
C ASP B 369 26.89 -33.17 7.28
N GLU B 370 27.99 -32.96 6.58
CA GLU B 370 28.64 -31.65 6.56
C GLU B 370 27.74 -30.61 5.91
N GLY B 371 27.05 -30.97 4.83
CA GLY B 371 26.17 -30.01 4.16
C GLY B 371 25.02 -29.58 5.05
N LEU B 372 24.31 -30.54 5.64
CA LEU B 372 23.18 -30.18 6.47
C LEU B 372 23.65 -29.41 7.71
N GLU B 373 24.82 -29.78 8.24
CA GLU B 373 25.31 -29.11 9.44
C GLU B 373 25.56 -27.63 9.18
N ALA B 374 26.13 -27.29 8.01
CA ALA B 374 26.37 -25.89 7.69
C ALA B 374 25.07 -25.10 7.65
N VAL B 375 24.02 -25.68 7.07
CA VAL B 375 22.72 -25.02 7.05
C VAL B 375 22.19 -24.94 8.47
N ASN B 376 22.24 -26.06 9.19
CA ASN B 376 21.70 -26.13 10.54
C ASN B 376 22.33 -25.11 11.47
N LYS B 377 23.62 -24.83 11.29
CA LYS B 377 24.30 -23.85 12.15
C LYS B 377 23.81 -22.43 11.91
N ASP B 378 23.24 -22.15 10.73
CA ASP B 378 22.69 -20.83 10.44
C ASP B 378 21.32 -20.70 11.10
N LYS B 379 20.36 -21.51 10.66
CA LYS B 379 19.04 -21.70 11.28
C LYS B 379 18.79 -23.20 11.39
N PRO B 380 18.38 -23.71 12.55
CA PRO B 380 18.23 -25.17 12.68
C PRO B 380 17.21 -25.71 11.69
N LEU B 381 17.56 -26.83 11.08
CA LEU B 381 16.67 -27.52 10.15
C LEU B 381 15.56 -28.28 10.85
N GLY B 382 15.77 -28.63 12.12
CA GLY B 382 14.89 -29.59 12.77
C GLY B 382 15.34 -31.01 12.49
N ALA B 383 14.40 -31.93 12.36
CA ALA B 383 14.73 -33.29 11.99
C ALA B 383 15.03 -33.33 10.50
N VAL B 384 16.09 -34.02 10.13
CA VAL B 384 16.57 -34.05 8.77
C VAL B 384 16.23 -35.40 8.16
N ALA B 385 16.07 -35.42 6.83
CA ALA B 385 15.77 -36.66 6.13
C ALA B 385 16.98 -37.59 6.08
N LEU B 386 18.19 -37.04 6.25
CA LEU B 386 19.41 -37.84 6.19
C LEU B 386 19.57 -38.62 7.48
N LYS B 387 19.48 -39.95 7.38
CA LYS B 387 19.48 -40.84 8.53
C LYS B 387 20.73 -40.65 9.39
N SER B 388 21.91 -40.62 8.76
CA SER B 388 23.14 -40.56 9.54
C SER B 388 23.20 -39.30 10.40
N TYR B 389 22.72 -38.16 9.87
CA TYR B 389 22.69 -36.93 10.67
C TYR B 389 21.53 -36.95 11.66
N GLU B 390 20.38 -37.50 11.27
CA GLU B 390 19.23 -37.50 12.16
C GLU B 390 19.50 -38.33 13.41
N GLU B 391 20.31 -39.39 13.30
CA GLU B 391 20.60 -40.21 14.48
C GLU B 391 21.34 -39.40 15.54
N GLU B 392 22.23 -38.50 15.13
CA GLU B 392 22.80 -37.57 16.09
C GLU B 392 21.74 -36.58 16.57
N LEU B 393 21.05 -35.90 15.65
CA LEU B 393 20.09 -34.87 16.03
C LEU B 393 18.99 -35.43 16.92
N ALA B 394 18.68 -36.73 16.80
CA ALA B 394 17.59 -37.32 17.56
C ALA B 394 17.85 -37.30 19.06
N LYS B 395 19.12 -37.16 19.48
CA LYS B 395 19.43 -37.10 20.90
C LYS B 395 19.01 -35.78 21.54
N ASP B 396 18.74 -34.75 20.75
CA ASP B 396 18.35 -33.44 21.25
C ASP B 396 16.85 -33.44 21.60
N PRO B 397 16.48 -33.13 22.85
CA PRO B 397 15.04 -33.17 23.21
C PRO B 397 14.16 -32.28 22.33
N ARG B 398 14.68 -31.14 21.88
CA ARG B 398 13.91 -30.30 20.97
C ARG B 398 13.58 -31.04 19.69
N ILE B 399 14.49 -31.91 19.23
CA ILE B 399 14.20 -32.70 18.05
C ILE B 399 13.21 -33.80 18.39
N ALA B 400 13.36 -34.43 19.56
CA ALA B 400 12.37 -35.40 20.01
C ALA B 400 10.97 -34.78 20.02
N ALA B 401 10.86 -33.56 20.56
CA ALA B 401 9.58 -32.86 20.61
C ALA B 401 9.02 -32.62 19.22
N THR B 402 9.87 -32.12 18.30
CA THR B 402 9.46 -31.92 16.92
C THR B 402 8.88 -33.19 16.33
N MET B 403 9.60 -34.30 16.50
CA MET B 403 9.12 -35.55 15.91
C MET B 403 7.85 -36.03 16.61
N GLU B 404 7.70 -35.74 17.90
CA GLU B 404 6.49 -36.14 18.60
C GLU B 404 5.27 -35.35 18.12
N ASN B 405 5.43 -34.03 17.95
CA ASN B 405 4.34 -33.28 17.35
C ASN B 405 4.08 -33.75 15.92
N ALA B 406 5.14 -34.01 15.16
CA ALA B 406 5.00 -34.55 13.81
C ALA B 406 4.14 -35.81 13.81
N GLN B 407 4.44 -36.74 14.71
CA GLN B 407 3.67 -37.98 14.77
C GLN B 407 2.22 -37.75 15.15
N LYS B 408 1.92 -36.66 15.85
CA LYS B 408 0.54 -36.33 16.17
C LYS B 408 -0.13 -35.54 15.06
N GLY B 409 0.61 -35.14 14.02
CA GLY B 409 0.08 -34.38 12.92
C GLY B 409 -0.05 -35.20 11.65
N GLU B 410 -0.06 -34.49 10.52
CA GLU B 410 -0.21 -35.13 9.21
C GLU B 410 0.80 -34.53 8.24
N ILE B 411 1.45 -35.41 7.47
CA ILE B 411 2.22 -34.93 6.34
C ILE B 411 1.31 -34.15 5.44
N MET B 412 1.74 -32.96 5.04
CA MET B 412 0.92 -32.20 4.11
C MET B 412 0.75 -32.98 2.81
N PRO B 413 -0.44 -32.97 2.23
CA PRO B 413 -0.55 -33.37 0.83
C PRO B 413 0.27 -32.42 -0.04
N ASN B 414 0.75 -32.94 -1.17
CA ASN B 414 1.45 -32.14 -2.16
C ASN B 414 0.62 -31.92 -3.42
N ILE B 415 -0.65 -32.33 -3.40
CA ILE B 415 -1.52 -32.15 -4.58
C ILE B 415 -1.61 -30.67 -4.92
N PRO B 416 -1.92 -30.32 -6.18
CA PRO B 416 -1.93 -28.90 -6.53
C PRO B 416 -2.99 -28.10 -5.79
N GLN B 417 -4.09 -28.72 -5.36
CA GLN B 417 -5.14 -28.00 -4.65
C GLN B 417 -4.65 -27.43 -3.32
N MET B 418 -3.50 -27.90 -2.82
CA MET B 418 -3.07 -27.50 -1.47
C MET B 418 -2.91 -26.00 -1.35
N SER B 419 -2.45 -25.35 -2.42
CA SER B 419 -2.32 -23.90 -2.44
C SER B 419 -3.67 -23.22 -2.19
N ALA B 420 -4.70 -23.65 -2.92
CA ALA B 420 -6.02 -23.04 -2.76
C ALA B 420 -6.55 -23.26 -1.34
N PHE B 421 -6.30 -24.44 -0.78
CA PHE B 421 -6.64 -24.71 0.61
C PHE B 421 -5.99 -23.66 1.53
N TRP B 422 -4.67 -23.46 1.41
CA TRP B 422 -3.97 -22.54 2.29
C TRP B 422 -4.51 -21.13 2.16
N TYR B 423 -4.64 -20.63 0.93
CA TYR B 423 -5.20 -19.30 0.68
C TYR B 423 -6.57 -19.15 1.33
N ALA B 424 -7.42 -20.16 1.22
CA ALA B 424 -8.76 -20.08 1.79
C ALA B 424 -8.71 -20.04 3.31
N VAL B 425 -7.90 -20.91 3.93
CA VAL B 425 -7.84 -20.92 5.38
C VAL B 425 -7.23 -19.62 5.91
N ARG B 426 -6.28 -19.03 5.19
CA ARG B 426 -5.65 -17.79 5.64
C ARG B 426 -6.68 -16.67 5.73
N THR B 427 -7.49 -16.52 4.67
CA THR B 427 -8.53 -15.52 4.66
C THR B 427 -9.55 -15.78 5.77
N ALA B 428 -9.96 -17.04 5.93
CA ALA B 428 -10.95 -17.37 6.95
C ALA B 428 -10.46 -17.00 8.34
N VAL B 429 -9.21 -17.36 8.66
CA VAL B 429 -8.68 -17.11 10.00
C VAL B 429 -8.58 -15.60 10.26
N ILE B 430 -8.09 -14.85 9.28
CA ILE B 430 -7.91 -13.42 9.48
C ILE B 430 -9.26 -12.71 9.58
N ASN B 431 -10.23 -13.12 8.77
CA ASN B 431 -11.54 -12.50 8.82
C ASN B 431 -12.22 -12.78 10.15
N ALA B 432 -12.17 -14.03 10.63
CA ALA B 432 -12.78 -14.34 11.91
C ALA B 432 -12.05 -13.67 13.07
N ALA B 433 -10.72 -13.59 13.00
CA ALA B 433 -9.99 -12.98 14.11
C ALA B 433 -10.24 -11.49 14.18
N SER B 434 -10.50 -10.84 13.05
CA SER B 434 -10.77 -9.42 13.02
C SER B 434 -12.26 -9.10 13.10
N GLY B 435 -13.11 -10.11 13.24
CA GLY B 435 -14.53 -9.88 13.30
C GLY B 435 -15.18 -9.42 12.01
N ARG B 436 -14.48 -9.50 10.88
CA ARG B 436 -15.12 -9.15 9.62
C ARG B 436 -16.17 -10.18 9.22
N GLN B 437 -15.96 -11.45 9.57
CA GLN B 437 -16.98 -12.49 9.44
C GLN B 437 -17.05 -13.29 10.72
N THR B 438 -18.19 -13.93 10.92
CA THR B 438 -18.31 -14.93 11.95
C THR B 438 -17.45 -16.13 11.61
N VAL B 439 -17.21 -16.97 12.63
CA VAL B 439 -16.45 -18.19 12.42
C VAL B 439 -17.12 -19.07 11.36
N ASP B 440 -18.44 -19.23 11.47
CA ASP B 440 -19.13 -20.10 10.52
C ASP B 440 -19.09 -19.51 9.11
N GLU B 441 -19.23 -18.20 9.01
CA GLU B 441 -19.24 -17.57 7.70
C GLU B 441 -17.88 -17.63 7.04
N ALA B 442 -16.81 -17.52 7.84
CA ALA B 442 -15.47 -17.59 7.31
C ALA B 442 -15.14 -19.00 6.81
N LEU B 443 -15.48 -20.01 7.59
CA LEU B 443 -15.12 -21.37 7.21
C LEU B 443 -15.99 -21.92 6.07
N LYS B 444 -17.19 -21.37 5.86
CA LYS B 444 -17.95 -21.76 4.69
C LYS B 444 -17.30 -21.21 3.42
N ASP B 445 -16.93 -19.92 3.45
CA ASP B 445 -16.19 -19.32 2.35
C ASP B 445 -14.88 -20.05 2.07
N ALA B 446 -14.20 -20.50 3.13
CA ALA B 446 -12.95 -21.25 2.92
C ALA B 446 -13.24 -22.60 2.29
N GLN B 447 -14.35 -23.22 2.70
CA GLN B 447 -14.72 -24.49 2.08
C GLN B 447 -14.96 -24.32 0.60
N THR B 448 -15.65 -23.25 0.21
CA THR B 448 -15.90 -23.00 -1.21
C THR B 448 -14.60 -22.73 -1.95
N ASN B 449 -13.73 -21.91 -1.38
CA ASN B 449 -12.50 -21.51 -2.05
C ASN B 449 -11.53 -22.68 -2.16
N ALA B 450 -11.49 -23.54 -1.15
CA ALA B 450 -10.50 -24.62 -1.14
C ALA B 450 -10.80 -25.67 -2.20
N ALA B 451 -12.06 -26.10 -2.32
CA ALA B 451 -12.41 -27.16 -3.26
C ALA B 451 -12.45 -26.68 -4.70
N ALA B 452 -12.68 -25.38 -4.91
CA ALA B 452 -12.76 -24.77 -6.23
C ALA B 452 -11.49 -25.00 -7.06
C1 GLC C . -9.10 21.83 -6.85
C2 GLC C . -9.24 23.24 -6.27
C3 GLC C . -8.65 23.29 -4.87
C4 GLC C . -9.28 22.22 -4.01
C5 GLC C . -9.13 20.87 -4.69
C6 GLC C . -9.89 19.83 -3.87
O1 GLC C . -7.74 21.51 -6.98
O2 GLC C . -8.53 24.12 -7.17
O3 GLC C . -8.88 24.57 -4.28
O4 GLC C . -8.56 22.17 -2.78
O5 GLC C . -9.72 20.87 -6.00
O6 GLC C . -9.40 18.54 -4.17
C1 GLC C . -9.18 22.80 -1.64
C2 GLC C . -8.14 23.54 -0.82
C3 GLC C . -7.06 22.54 -0.35
C4 GLC C . -7.71 21.51 0.53
C5 GLC C . -8.86 20.82 -0.24
C6 GLC C . -9.65 19.93 0.73
O2 GLC C . -7.53 24.57 -1.61
O3 GLC C . -6.01 23.18 0.39
O4 GLC C . -6.68 20.53 0.86
O5 GLC C . -9.80 21.80 -0.82
O6 GLC C . -10.49 19.01 -0.03
C1 GLC C . -6.33 20.45 2.23
C2 GLC C . -4.84 20.38 2.41
C3 GLC C . -4.28 19.17 1.64
C4 GLC C . -4.98 17.89 2.07
C5 GLC C . -6.48 18.08 1.95
C6 GLC C . -7.11 16.80 2.53
O2 GLC C . -4.23 21.57 1.89
O3 GLC C . -2.92 19.07 1.96
O4 GLC C . -4.65 16.78 1.20
O5 GLC C . -6.90 19.23 2.71
O6 GLC C . -8.50 16.81 2.28
C1 GLC C . -3.52 15.96 1.52
C2 GLC C . -2.99 15.25 0.23
C3 GLC C . -3.92 14.15 -0.23
C4 GLC C . -3.97 13.14 0.90
C5 GLC C . -4.62 13.84 2.10
C6 GLC C . -4.72 12.86 3.25
O2 GLC C . -2.85 16.18 -0.84
O3 GLC C . -3.41 13.59 -1.43
O4 GLC C . -4.70 11.96 0.50
O5 GLC C . -3.79 14.97 2.53
O6 GLC C . -3.38 12.45 3.53
C1 GLC D . 7.94 -22.06 7.59
C2 GLC D . 7.68 -23.49 7.17
C3 GLC D . 6.67 -23.55 6.06
C4 GLC D . 5.40 -22.86 6.47
C5 GLC D . 5.75 -21.46 6.91
C6 GLC D . 4.45 -20.76 7.35
O1 GLC D . 8.51 -21.32 6.50
O2 GLC D . 8.91 -24.05 6.72
O3 GLC D . 6.34 -24.91 5.79
O4 GLC D . 4.51 -22.77 5.32
O5 GLC D . 6.70 -21.46 8.00
O6 GLC D . 4.68 -19.36 7.31
C1 GLC D . 3.43 -23.73 5.25
C2 GLC D . 3.37 -24.30 3.84
C3 GLC D . 3.15 -23.16 2.86
C4 GLC D . 1.88 -22.41 3.22
C5 GLC D . 1.92 -21.99 4.67
C6 GLC D . 0.56 -21.40 5.05
O2 GLC D . 4.60 -25.00 3.56
O3 GLC D . 3.02 -23.64 1.51
O4 GLC D . 1.81 -21.22 2.38
O5 GLC D . 2.18 -23.10 5.53
O6 GLC D . 0.66 -20.77 6.33
C1 GLC D . 0.70 -21.30 1.46
C2 GLC D . 1.11 -20.90 0.07
C3 GLC D . 1.74 -19.49 0.12
C4 GLC D . 0.76 -18.49 0.75
C5 GLC D . 0.23 -19.02 2.05
C6 GLC D . -0.93 -18.11 2.48
O2 GLC D . 2.05 -21.84 -0.47
O3 GLC D . 2.04 -19.08 -1.22
O4 GLC D . 1.42 -17.23 1.10
O5 GLC D . -0.27 -20.34 1.94
O6 GLC D . -1.09 -18.29 3.89
C1 GLC D . 1.42 -16.23 0.07
C2 GLC D . 2.59 -15.22 0.28
C3 GLC D . 2.36 -14.34 1.50
C4 GLC D . 1.05 -13.59 1.27
C5 GLC D . -0.07 -14.63 1.18
C6 GLC D . -1.42 -13.94 0.98
O2 GLC D . 3.83 -15.92 0.44
O3 GLC D . 3.47 -13.43 1.62
O4 GLC D . 0.78 -12.62 2.34
O5 GLC D . 0.17 -15.49 0.03
O6 GLC D . -1.37 -13.20 -0.23
O1 MES E . 0.51 9.25 -10.61
C2 MES E . 0.00 10.59 -10.44
C3 MES E . -1.17 10.72 -9.46
N4 MES E . -0.82 10.05 -8.21
C5 MES E . 0.30 9.11 -8.16
C6 MES E . 0.37 8.37 -9.48
C7 MES E . -1.39 10.59 -6.97
C8 MES E . -0.97 9.73 -5.76
S MES E . -1.49 10.45 -4.33
O1S MES E . -2.96 10.50 -4.32
O2S MES E . -0.97 11.83 -4.25
O3S MES E . -0.99 9.67 -3.18
C1 PGE F . 7.62 21.95 -18.80
O1 PGE F . 8.38 21.47 -17.68
C2 PGE F . 6.63 20.89 -19.25
O2 PGE F . 5.86 20.45 -18.14
C3 PGE F . 4.58 19.91 -18.43
C4 PGE F . 4.56 18.44 -18.06
O4 PGE F . 7.57 16.46 -15.67
C6 PGE F . 6.27 16.90 -15.25
C5 PGE F . 5.31 16.93 -16.41
O3 PGE F . 4.86 18.25 -16.69
C1 EDO G . -15.62 4.07 -17.04
O1 EDO G . -15.00 3.16 -17.92
C2 EDO G . -17.14 3.87 -17.09
O2 EDO G . -17.78 4.90 -16.38
C1 EDO H . -23.37 11.28 -24.25
O1 EDO H . -23.40 9.88 -24.10
C2 EDO H . -22.53 11.63 -25.47
O2 EDO H . -22.92 12.86 -26.00
C1 EDO I . 13.06 28.94 6.93
O1 EDO I . 12.62 29.48 8.15
C2 EDO I . 12.95 29.97 5.82
O2 EDO I . 13.48 29.45 4.62
C1 PEG J . -16.78 36.85 -5.01
O1 PEG J . -17.12 38.22 -4.90
C2 PEG J . -16.52 36.28 -3.61
O2 PEG J . -17.66 36.35 -2.81
C3 PEG J . -17.57 35.61 -1.62
C4 PEG J . -18.95 35.46 -0.97
O4 PEG J . -19.58 36.69 -0.81
C1 PEG K . 9.07 11.16 -19.62
O1 PEG K . 9.60 10.38 -20.65
C2 PEG K . 7.73 10.61 -19.16
O2 PEG K . 7.82 10.02 -17.88
C3 PEG K . 7.12 8.81 -17.74
C4 PEG K . 7.88 7.87 -16.79
O4 PEG K . 7.62 8.21 -15.46
C1 PEG L . -7.86 14.84 -14.99
O1 PEG L . -7.77 15.60 -16.16
C2 PEG L . -7.01 15.51 -13.91
O2 PEG L . -7.42 15.12 -12.62
C3 PEG L . -6.58 15.57 -11.59
C4 PEG L . -7.00 14.99 -10.25
O4 PEG L . -8.01 15.77 -9.65
C1 PEG M . -13.57 -4.07 -9.95
O1 PEG M . -14.21 -2.93 -10.45
C2 PEG M . -12.16 -4.20 -10.51
O2 PEG M . -11.20 -4.23 -9.48
C3 PEG M . -9.92 -4.60 -9.91
C4 PEG M . -8.92 -4.41 -8.78
O4 PEG M . -8.56 -3.05 -8.69
O1 MES N . 11.94 -7.52 3.38
C2 MES N . 11.27 -6.61 2.48
C3 MES N . 9.76 -6.68 2.70
N4 MES N . 9.32 -8.07 2.52
C5 MES N . 9.98 -9.06 3.37
C6 MES N . 11.49 -8.87 3.21
C7 MES N . 7.89 -8.17 2.26
C8 MES N . 7.42 -9.61 2.37
S MES N . 5.82 -9.75 1.92
O1S MES N . 5.73 -10.13 0.50
O2S MES N . 5.09 -8.48 2.11
O3S MES N . 5.20 -10.80 2.76
C1 PGE O . 25.29 -16.28 -2.10
O1 PGE O . 24.57 -15.59 -3.11
C2 PGE O . 25.31 -15.43 -0.85
O2 PGE O . 23.98 -15.08 -0.45
C3 PGE O . 23.72 -15.20 0.93
C4 PGE O . 22.43 -14.50 1.29
O4 PGE O . 21.12 -11.63 -1.44
C6 PGE O . 20.21 -12.48 -0.75
C5 PGE O . 20.83 -12.95 0.54
O3 PGE O . 21.98 -13.69 0.22
C1 PGE P . 6.91 -8.11 6.21
O1 PGE P . 6.01 -8.92 6.97
C2 PGE P . 8.20 -7.99 6.98
O2 PGE P . 9.05 -9.10 6.76
C3 PGE P . 10.44 -8.80 6.82
C4 PGE P . 11.02 -9.34 8.11
O4 PGE P . 14.59 -12.00 9.55
C6 PGE P . 13.88 -11.44 8.46
C5 PGE P . 12.54 -10.92 8.97
O3 PGE P . 11.71 -10.54 7.87
C1 EDO Q . 20.85 -4.34 0.15
O1 EDO Q . 19.88 -3.47 -0.38
C2 EDO Q . 22.17 -4.18 -0.61
O2 EDO Q . 23.13 -5.12 -0.21
C1 EDO R . 25.39 7.38 10.96
O1 EDO R . 26.19 6.23 10.89
C2 EDO R . 23.92 7.01 10.72
O2 EDO R . 23.07 7.87 11.42
C1 EDO S . -9.44 -35.18 15.08
O1 EDO S . -10.21 -35.92 15.98
C2 EDO S . -9.19 -36.02 13.82
O2 EDO S . -8.87 -35.18 12.73
C1 EDO T . 10.21 -14.94 6.93
O1 EDO T . 9.31 -15.75 6.22
C2 EDO T . 9.70 -14.80 8.37
O2 EDO T . 10.81 -14.54 9.20
C1 PEG U . 17.73 -26.18 24.70
O1 PEG U . 18.41 -24.99 24.96
C2 PEG U . 16.94 -26.56 25.95
O2 PEG U . 16.01 -27.57 25.64
C3 PEG U . 15.70 -28.40 26.73
C4 PEG U . 14.21 -28.73 26.68
O4 PEG U . 13.80 -28.69 25.34
C1 PEG V . 7.36 -39.46 12.05
O1 PEG V . 7.83 -40.77 12.18
C2 PEG V . 6.82 -39.25 10.64
O2 PEG V . 5.83 -38.25 10.64
C3 PEG V . 4.62 -38.68 11.18
C4 PEG V . 3.43 -38.08 10.43
O4 PEG V . 2.25 -38.59 10.98
C1 PEG W . 3.19 2.08 13.97
O1 PEG W . 3.81 3.07 13.20
C2 PEG W . 2.06 2.69 14.80
O2 PEG W . 2.35 2.73 16.17
C3 PEG W . 2.90 1.57 16.71
C4 PEG W . 2.34 1.26 18.09
O4 PEG W . 2.03 -0.11 18.17
#